data_6QSS
#
_entry.id   6QSS
#
_cell.length_a   78.486
_cell.length_b   109.017
_cell.length_c   151.910
_cell.angle_alpha   90.00
_cell.angle_beta   90.00
_cell.angle_gamma   90.00
#
_symmetry.space_group_name_H-M   'P 2 21 21'
#
loop_
_entity.id
_entity.type
_entity.pdbx_description
1 polymer 'Malate dehydrogenase'
2 non-polymer Tb-Xo4
3 non-polymer 'TERBIUM(III) ION'
4 non-polymer 'CHLORIDE ION'
5 water water
#
_entity_poly.entity_id   1
_entity_poly.type   'polypeptide(L)'
_entity_poly.pdbx_seq_one_letter_code
;MARIPYKVAVIGTGRVGATFAYTMAVVPGIARMTLVDVVPGLAKGVMEDIKHAAAVFRRSITVEAFEDVSKVENADAIVI
TAGKPRKADMSRRDLANVNAQIIRDIGDKLRDRNPGALYVVVTNPVDVMTMVLDDVIGSKGTVIGTGTSLDTFRFRAAVS
ELLNVPIVAVDGYVVGEHGEEAFVAWSTVTIKGIHIDQYIKERNINISREQIEKYVKDVAASIIASQGATIWGPAATFQE
IVVSHLANESKIIPISLPQNIEGVGRVAVSVPTIISGRLKPLVQLLNEEEQERLKRAAKAIRNVYESILT
;
_entity_poly.pdbx_strand_id   A,B,C,D
#
loop_
_chem_comp.id
_chem_comp.type
_chem_comp.name
_chem_comp.formula
7MT non-polymer Tb-Xo4 'C20 H23 N5 O4 Tb 5'
CL non-polymer 'CHLORIDE ION' 'Cl -1'
TB non-polymer 'TERBIUM(III) ION' 'Tb 3'
#
# COMPACT_ATOMS: atom_id res chain seq x y z
N ALA A 2 -5.25 -1.21 5.36
CA ALA A 2 -5.56 -1.36 6.77
C ALA A 2 -4.34 -1.67 7.62
N ARG A 3 -4.46 -1.46 8.95
CA ARG A 3 -3.45 -1.77 9.96
CA ARG A 3 -3.45 -1.77 9.96
C ARG A 3 -4.20 -2.32 11.17
N ILE A 4 -4.08 -3.64 11.38
CA ILE A 4 -4.79 -4.33 12.48
C ILE A 4 -3.83 -4.92 13.51
N PRO A 5 -4.21 -4.94 14.77
CA PRO A 5 -3.31 -5.46 15.81
C PRO A 5 -3.42 -6.98 16.11
N TYR A 6 -4.24 -7.71 15.34
CA TYR A 6 -4.55 -9.14 15.56
C TYR A 6 -3.53 -10.16 15.06
N LYS A 7 -3.68 -11.42 15.53
CA LYS A 7 -2.79 -12.55 15.18
C LYS A 7 -3.53 -13.55 14.32
N VAL A 8 -2.90 -14.02 13.25
CA VAL A 8 -3.46 -14.97 12.30
C VAL A 8 -2.62 -16.24 12.36
N ALA A 9 -3.26 -17.39 12.62
CA ALA A 9 -2.58 -18.69 12.59
C ALA A 9 -2.79 -19.35 11.24
N VAL A 10 -1.75 -20.05 10.75
CA VAL A 10 -1.74 -20.81 9.51
C VAL A 10 -1.48 -22.28 9.87
N ILE A 11 -2.50 -23.12 9.70
CA ILE A 11 -2.39 -24.55 9.98
C ILE A 11 -2.15 -25.26 8.67
N GLY A 12 -0.89 -25.63 8.49
CA GLY A 12 -0.43 -26.27 7.27
C GLY A 12 0.38 -25.27 6.50
N THR A 13 1.69 -25.51 6.42
CA THR A 13 2.57 -24.57 5.76
C THR A 13 3.24 -25.20 4.55
N GLY A 14 2.44 -25.91 3.75
CA GLY A 14 2.88 -26.46 2.48
C GLY A 14 2.85 -25.29 1.51
N ARG A 15 2.95 -25.56 0.22
CA ARG A 15 2.96 -24.50 -0.79
C ARG A 15 1.90 -23.37 -0.60
N VAL A 16 0.63 -23.73 -0.32
CA VAL A 16 -0.48 -22.78 -0.18
C VAL A 16 -0.37 -21.91 1.10
N GLY A 17 -0.24 -22.57 2.25
CA GLY A 17 -0.10 -21.89 3.53
C GLY A 17 1.11 -20.96 3.59
N ALA A 18 2.25 -21.42 3.00
CA ALA A 18 3.48 -20.63 2.99
C ALA A 18 3.30 -19.37 2.13
N THR A 19 2.57 -19.49 1.01
CA THR A 19 2.28 -18.33 0.13
C THR A 19 1.40 -17.35 0.89
N PHE A 20 0.39 -17.87 1.64
CA PHE A 20 -0.47 -17.01 2.45
C PHE A 20 0.36 -16.29 3.51
N ALA A 21 1.27 -17.00 4.21
CA ALA A 21 2.12 -16.40 5.23
C ALA A 21 3.00 -15.27 4.63
N TYR A 22 3.52 -15.50 3.44
CA TYR A 22 4.33 -14.51 2.71
C TYR A 22 3.52 -13.26 2.41
N THR A 23 2.28 -13.46 1.87
CA THR A 23 1.34 -12.40 1.53
C THR A 23 1.16 -11.50 2.77
N MET A 24 0.87 -12.11 3.92
CA MET A 24 0.71 -11.39 5.21
C MET A 24 1.98 -10.61 5.64
N ALA A 25 3.18 -11.19 5.36
CA ALA A 25 4.45 -10.56 5.69
C ALA A 25 4.79 -9.33 4.83
N VAL A 26 4.27 -9.28 3.59
CA VAL A 26 4.69 -8.24 2.63
C VAL A 26 3.62 -7.21 2.24
N VAL A 27 2.32 -7.47 2.50
CA VAL A 27 1.29 -6.48 2.14
C VAL A 27 0.72 -5.82 3.41
N PRO A 28 0.22 -4.56 3.39
CA PRO A 28 -0.27 -3.96 4.64
C PRO A 28 -1.42 -4.75 5.24
N GLY A 29 -1.55 -4.66 6.55
CA GLY A 29 -2.63 -5.31 7.27
C GLY A 29 -2.22 -6.00 8.54
N ILE A 30 -1.59 -7.17 8.39
CA ILE A 30 -1.25 -8.06 9.51
C ILE A 30 0.22 -8.03 9.88
N ALA A 31 0.51 -8.00 11.17
CA ALA A 31 1.87 -8.00 11.67
C ALA A 31 2.14 -9.05 12.74
N ARG A 32 1.17 -9.96 13.01
CA ARG A 32 1.38 -11.04 13.97
C ARG A 32 0.89 -12.35 13.37
N MET A 33 1.75 -13.36 13.28
CA MET A 33 1.31 -14.62 12.71
C MET A 33 1.96 -15.84 13.39
N THR A 34 1.26 -16.98 13.32
CA THR A 34 1.63 -18.27 13.90
C THR A 34 1.56 -19.30 12.77
N LEU A 35 2.68 -19.96 12.52
CA LEU A 35 2.81 -20.97 11.47
C LEU A 35 2.92 -22.33 12.08
N VAL A 36 2.08 -23.27 11.61
CA VAL A 36 2.08 -24.63 12.11
C VAL A 36 2.15 -25.64 10.96
N ASP A 37 2.96 -26.69 11.17
CA ASP A 37 3.08 -27.86 10.30
C ASP A 37 3.65 -29.05 11.05
N VAL A 38 3.03 -30.23 10.87
CA VAL A 38 3.46 -31.48 11.51
C VAL A 38 4.85 -31.93 11.02
N VAL A 39 5.21 -31.60 9.75
CA VAL A 39 6.52 -31.95 9.14
C VAL A 39 7.64 -31.20 9.93
N PRO A 40 8.58 -31.93 10.57
CA PRO A 40 9.62 -31.23 11.35
C PRO A 40 10.40 -30.17 10.57
N GLY A 41 10.56 -29.00 11.18
CA GLY A 41 11.31 -27.88 10.64
C GLY A 41 10.68 -27.05 9.53
N LEU A 42 9.57 -27.54 8.90
CA LEU A 42 8.92 -26.85 7.79
C LEU A 42 8.39 -25.46 8.15
N ALA A 43 7.57 -25.35 9.23
CA ALA A 43 6.99 -24.07 9.67
C ALA A 43 8.11 -23.08 10.10
N LYS A 44 9.17 -23.60 10.76
CA LYS A 44 10.30 -22.75 11.18
C LYS A 44 11.00 -22.17 9.94
N GLY A 45 11.25 -23.01 8.94
CA GLY A 45 11.87 -22.65 7.67
C GLY A 45 11.12 -21.58 6.93
N VAL A 46 9.78 -21.76 6.80
CA VAL A 46 8.87 -20.79 6.20
C VAL A 46 8.98 -19.46 6.96
N MET A 47 8.96 -19.53 8.30
CA MET A 47 9.06 -18.35 9.17
C MET A 47 10.35 -17.55 8.96
N GLU A 48 11.52 -18.22 8.98
CA GLU A 48 12.79 -17.51 8.81
C GLU A 48 12.89 -16.80 7.44
N ASP A 49 12.41 -17.47 6.39
CA ASP A 49 12.40 -16.92 5.02
C ASP A 49 11.48 -15.69 4.85
N ILE A 50 10.24 -15.76 5.37
CA ILE A 50 9.31 -14.62 5.25
C ILE A 50 9.77 -13.39 6.10
N LYS A 51 10.53 -13.62 7.20
CA LYS A 51 11.11 -12.58 8.06
C LYS A 51 12.16 -11.82 7.22
N HIS A 52 12.89 -12.57 6.36
CA HIS A 52 13.86 -11.99 5.43
C HIS A 52 13.15 -11.09 4.43
N ALA A 53 11.94 -11.49 3.95
CA ALA A 53 11.12 -10.66 3.03
C ALA A 53 10.53 -9.44 3.78
N ALA A 54 10.10 -9.61 5.05
CA ALA A 54 9.59 -8.47 5.82
C ALA A 54 10.68 -7.42 5.98
N ALA A 55 11.96 -7.86 6.19
CA ALA A 55 13.11 -6.94 6.29
C ALA A 55 13.27 -6.11 5.00
N VAL A 56 13.00 -6.72 3.82
CA VAL A 56 13.11 -6.00 2.53
C VAL A 56 12.06 -4.89 2.50
N PHE A 57 10.79 -5.27 2.74
CA PHE A 57 9.64 -4.37 2.73
C PHE A 57 9.59 -3.44 3.94
N ARG A 58 10.56 -3.56 4.92
CA ARG A 58 10.62 -2.70 6.11
C ARG A 58 9.33 -2.83 6.93
N ARG A 59 8.84 -4.07 7.10
CA ARG A 59 7.62 -4.32 7.88
C ARG A 59 7.99 -5.03 9.18
N SER A 60 7.79 -4.36 10.31
CA SER A 60 8.08 -4.90 11.64
C SER A 60 6.98 -5.90 11.98
N ILE A 61 7.26 -7.21 11.85
CA ILE A 61 6.29 -8.27 12.14
C ILE A 61 6.80 -9.22 13.24
N THR A 62 5.89 -10.05 13.81
CA THR A 62 6.17 -11.07 14.85
C THR A 62 5.63 -12.36 14.31
N VAL A 63 6.51 -13.36 14.16
CA VAL A 63 6.11 -14.69 13.67
C VAL A 63 6.60 -15.73 14.66
N GLU A 64 5.73 -16.70 15.02
CA GLU A 64 6.07 -17.88 15.83
C GLU A 64 5.80 -19.14 14.97
N ALA A 65 6.60 -20.20 15.15
CA ALA A 65 6.40 -21.43 14.40
C ALA A 65 6.36 -22.64 15.31
N PHE A 66 5.39 -23.53 15.07
CA PHE A 66 5.18 -24.73 15.89
C PHE A 66 5.01 -26.01 15.04
N GLU A 67 5.24 -27.18 15.69
CA GLU A 67 5.04 -28.50 15.10
C GLU A 67 3.79 -29.19 15.67
N ASP A 68 3.21 -28.60 16.73
CA ASP A 68 2.01 -29.08 17.39
C ASP A 68 0.94 -27.98 17.34
N VAL A 69 -0.22 -28.31 16.75
CA VAL A 69 -1.37 -27.41 16.60
C VAL A 69 -1.88 -26.94 18.00
N SER A 70 -1.68 -27.76 19.06
CA SER A 70 -2.07 -27.45 20.44
C SER A 70 -1.34 -26.21 21.02
N LYS A 71 -0.27 -25.74 20.36
CA LYS A 71 0.51 -24.58 20.81
C LYS A 71 -0.07 -23.25 20.35
N VAL A 72 -1.05 -23.27 19.41
CA VAL A 72 -1.72 -22.07 18.91
C VAL A 72 -2.65 -21.56 20.01
N GLU A 73 -2.46 -20.31 20.43
CA GLU A 73 -3.28 -19.71 21.49
C GLU A 73 -3.56 -18.25 21.17
N ASN A 74 -4.77 -17.77 21.49
CA ASN A 74 -5.19 -16.37 21.31
C ASN A 74 -5.01 -15.86 19.86
N ALA A 75 -5.27 -16.75 18.88
CA ALA A 75 -5.24 -16.36 17.48
C ALA A 75 -6.63 -15.76 17.19
N ASP A 76 -6.67 -14.76 16.31
CA ASP A 76 -7.93 -14.10 15.98
C ASP A 76 -8.55 -14.66 14.70
N ALA A 77 -7.72 -15.30 13.86
CA ALA A 77 -8.15 -15.98 12.64
C ALA A 77 -7.21 -17.15 12.44
N ILE A 78 -7.74 -18.29 12.00
CA ILE A 78 -6.97 -19.52 11.82
C ILE A 78 -7.34 -20.11 10.44
N VAL A 79 -6.38 -20.10 9.49
CA VAL A 79 -6.57 -20.63 8.13
C VAL A 79 -6.06 -22.09 8.11
N ILE A 80 -6.95 -23.03 7.76
CA ILE A 80 -6.63 -24.46 7.79
C ILE A 80 -6.44 -25.02 6.40
N THR A 81 -5.19 -25.35 6.05
CA THR A 81 -4.85 -25.92 4.75
C THR A 81 -4.53 -27.42 4.83
N ALA A 82 -4.56 -27.99 6.05
CA ALA A 82 -4.24 -29.41 6.33
C ALA A 82 -5.18 -30.40 5.63
N GLY A 83 -4.81 -31.68 5.61
CA GLY A 83 -5.58 -32.74 4.98
C GLY A 83 -5.00 -33.29 3.67
N LYS A 84 -5.62 -34.36 3.16
CA LYS A 84 -5.26 -35.04 1.90
C LYS A 84 -5.76 -34.19 0.70
N PRO A 85 -4.99 -34.04 -0.41
CA PRO A 85 -5.49 -33.25 -1.54
C PRO A 85 -6.51 -33.99 -2.41
N MET A 90 -10.19 -40.15 -6.74
CA MET A 90 -10.97 -40.24 -5.50
C MET A 90 -12.29 -39.48 -5.62
N SER A 91 -13.34 -40.03 -4.97
CA SER A 91 -14.67 -39.41 -4.92
C SER A 91 -14.79 -38.50 -3.69
N ARG A 92 -15.75 -37.56 -3.75
CA ARG A 92 -16.04 -36.58 -2.69
C ARG A 92 -16.37 -37.28 -1.35
N ARG A 93 -17.06 -38.46 -1.42
CA ARG A 93 -17.43 -39.29 -0.26
C ARG A 93 -16.19 -39.85 0.45
N ASP A 94 -15.26 -40.46 -0.29
CA ASP A 94 -14.04 -41.05 0.27
C ASP A 94 -13.09 -39.99 0.83
N LEU A 95 -12.96 -38.83 0.15
CA LEU A 95 -12.14 -37.71 0.59
C LEU A 95 -12.70 -37.12 1.89
N ALA A 96 -14.05 -37.04 2.00
CA ALA A 96 -14.75 -36.53 3.18
C ALA A 96 -14.42 -37.35 4.44
N ASN A 97 -14.52 -38.69 4.36
CA ASN A 97 -14.25 -39.59 5.50
C ASN A 97 -12.82 -39.49 6.02
N VAL A 98 -11.82 -39.43 5.11
CA VAL A 98 -10.42 -39.36 5.52
C VAL A 98 -10.10 -37.99 6.15
N ASN A 99 -10.58 -36.89 5.55
CA ASN A 99 -10.33 -35.51 5.99
C ASN A 99 -11.20 -35.01 7.16
N ALA A 100 -12.41 -35.59 7.39
CA ALA A 100 -13.30 -35.18 8.50
C ALA A 100 -12.60 -35.35 9.84
N GLN A 101 -11.91 -36.50 10.02
CA GLN A 101 -11.16 -36.84 11.23
C GLN A 101 -9.95 -35.90 11.41
N ILE A 102 -9.30 -35.47 10.28
CA ILE A 102 -8.17 -34.54 10.32
C ILE A 102 -8.64 -33.17 10.85
N ILE A 103 -9.81 -32.72 10.39
CA ILE A 103 -10.43 -31.45 10.79
C ILE A 103 -10.95 -31.50 12.22
N ARG A 104 -11.59 -32.62 12.61
CA ARG A 104 -12.10 -32.83 13.97
C ARG A 104 -10.96 -32.72 14.99
N ASP A 105 -9.82 -33.40 14.72
CA ASP A 105 -8.63 -33.37 15.60
C ASP A 105 -8.05 -31.96 15.74
N ILE A 106 -7.94 -31.21 14.63
CA ILE A 106 -7.48 -29.82 14.60
C ILE A 106 -8.45 -28.94 15.41
N GLY A 107 -9.75 -29.15 15.22
CA GLY A 107 -10.79 -28.42 15.94
C GLY A 107 -10.74 -28.57 17.45
N ASP A 108 -10.67 -29.82 17.93
CA ASP A 108 -10.60 -30.15 19.37
C ASP A 108 -9.40 -29.53 20.07
N LYS A 109 -8.24 -29.43 19.37
CA LYS A 109 -6.99 -28.87 19.94
C LYS A 109 -6.94 -27.33 19.92
N LEU A 110 -7.81 -26.67 19.11
CA LEU A 110 -7.84 -25.21 18.96
C LEU A 110 -8.94 -24.50 19.71
N ARG A 111 -10.12 -25.15 19.84
CA ARG A 111 -11.34 -24.64 20.44
C ARG A 111 -11.16 -23.78 21.73
N ASP A 112 -10.73 -24.40 22.84
CA ASP A 112 -10.63 -23.74 24.15
C ASP A 112 -9.57 -22.63 24.26
N ARG A 113 -8.45 -22.74 23.53
CA ARG A 113 -7.34 -21.77 23.62
C ARG A 113 -7.41 -20.62 22.60
N ASN A 114 -8.42 -20.62 21.73
CA ASN A 114 -8.60 -19.56 20.73
C ASN A 114 -10.05 -19.04 20.76
N PRO A 115 -10.50 -18.36 21.87
CA PRO A 115 -11.90 -17.89 21.93
C PRO A 115 -12.22 -16.78 20.94
N GLY A 116 -13.39 -16.90 20.31
CA GLY A 116 -13.87 -15.95 19.30
C GLY A 116 -13.09 -15.88 18.01
N ALA A 117 -12.21 -16.87 17.73
CA ALA A 117 -11.42 -16.88 16.49
C ALA A 117 -12.28 -17.21 15.25
N LEU A 118 -11.91 -16.64 14.10
CA LEU A 118 -12.55 -16.97 12.83
C LEU A 118 -11.74 -18.14 12.26
N TYR A 119 -12.38 -19.27 11.97
CA TYR A 119 -11.73 -20.44 11.40
C TYR A 119 -12.05 -20.43 9.90
N VAL A 120 -11.04 -20.60 9.04
CA VAL A 120 -11.21 -20.58 7.58
C VAL A 120 -10.73 -21.93 7.09
N VAL A 121 -11.68 -22.81 6.76
CA VAL A 121 -11.44 -24.16 6.30
C VAL A 121 -11.12 -24.17 4.82
N VAL A 122 -9.90 -24.66 4.46
CA VAL A 122 -9.52 -24.76 3.05
C VAL A 122 -9.63 -26.23 2.58
N THR A 123 -9.41 -27.18 3.52
CA THR A 123 -9.47 -28.65 3.33
C THR A 123 -10.70 -29.07 2.49
N ASN A 124 -10.51 -29.97 1.51
CA ASN A 124 -11.63 -30.40 0.65
C ASN A 124 -12.29 -31.72 1.09
N PRO A 125 -13.60 -31.99 0.81
CA PRO A 125 -14.65 -31.13 0.18
C PRO A 125 -15.00 -30.03 1.17
N VAL A 126 -14.68 -28.79 0.80
CA VAL A 126 -14.68 -27.60 1.66
C VAL A 126 -16.05 -27.32 2.33
N ASP A 127 -17.16 -27.41 1.62
CA ASP A 127 -18.46 -27.15 2.24
C ASP A 127 -18.73 -28.18 3.35
N VAL A 128 -18.34 -29.44 3.10
CA VAL A 128 -18.49 -30.56 4.02
C VAL A 128 -17.55 -30.38 5.23
N MET A 129 -16.26 -30.13 4.98
CA MET A 129 -15.29 -29.88 6.06
C MET A 129 -15.69 -28.66 6.91
N THR A 130 -16.32 -27.64 6.29
CA THR A 130 -16.82 -26.47 7.04
C THR A 130 -17.85 -26.90 8.09
N MET A 131 -18.80 -27.80 7.71
CA MET A 131 -19.84 -28.32 8.59
C MET A 131 -19.23 -29.10 9.73
N VAL A 132 -18.23 -29.97 9.43
CA VAL A 132 -17.51 -30.81 10.41
C VAL A 132 -16.88 -29.96 11.52
N LEU A 133 -16.14 -28.90 11.13
CA LEU A 133 -15.49 -28.04 12.11
C LEU A 133 -16.51 -27.24 12.91
N ASP A 134 -17.56 -26.74 12.24
CA ASP A 134 -18.63 -25.95 12.87
C ASP A 134 -19.26 -26.70 14.07
N ASP A 135 -19.45 -28.05 13.92
CA ASP A 135 -20.00 -28.93 14.97
CA ASP A 135 -20.00 -28.91 14.99
C ASP A 135 -19.07 -28.96 16.18
N VAL A 136 -17.75 -29.08 15.92
CA VAL A 136 -16.69 -29.15 16.94
C VAL A 136 -16.54 -27.80 17.67
N ILE A 137 -16.36 -26.71 16.91
CA ILE A 137 -16.17 -25.36 17.44
C ILE A 137 -17.41 -24.81 18.16
N GLY A 138 -18.59 -24.93 17.54
CA GLY A 138 -19.85 -24.43 18.07
C GLY A 138 -19.83 -22.92 18.23
N SER A 139 -20.25 -22.44 19.39
CA SER A 139 -20.31 -21.01 19.71
C SER A 139 -18.98 -20.39 20.21
N LYS A 140 -17.90 -21.20 20.35
CA LYS A 140 -16.58 -20.74 20.83
C LYS A 140 -15.72 -20.02 19.77
N GLY A 141 -16.27 -19.85 18.57
CA GLY A 141 -15.62 -19.20 17.43
C GLY A 141 -16.53 -19.20 16.22
N THR A 142 -16.10 -18.58 15.12
CA THR A 142 -16.91 -18.55 13.91
C THR A 142 -16.25 -19.40 12.86
N VAL A 143 -16.97 -20.41 12.35
CA VAL A 143 -16.40 -21.29 11.34
C VAL A 143 -16.93 -20.99 9.95
N ILE A 144 -16.01 -20.79 8.98
CA ILE A 144 -16.33 -20.57 7.57
C ILE A 144 -15.42 -21.46 6.71
N GLY A 145 -15.73 -21.52 5.42
CA GLY A 145 -14.94 -22.25 4.44
C GLY A 145 -14.72 -21.35 3.25
N THR A 146 -13.62 -21.56 2.49
CA THR A 146 -13.33 -20.71 1.32
C THR A 146 -14.44 -20.81 0.24
N GLY A 147 -15.17 -21.92 0.22
CA GLY A 147 -16.27 -22.13 -0.71
C GLY A 147 -15.94 -21.74 -2.14
N THR A 148 -16.78 -20.88 -2.74
CA THR A 148 -16.60 -20.45 -4.13
C THR A 148 -15.94 -19.08 -4.28
N SER A 149 -15.15 -18.63 -3.27
CA SER A 149 -14.50 -17.31 -3.33
C SER A 149 -13.48 -17.28 -4.46
N LEU A 150 -12.63 -18.32 -4.59
CA LEU A 150 -11.66 -18.32 -5.70
C LEU A 150 -12.35 -18.52 -7.04
N ASP A 151 -13.31 -19.44 -7.07
CA ASP A 151 -14.15 -19.66 -8.25
C ASP A 151 -14.66 -18.32 -8.79
N THR A 152 -15.08 -17.40 -7.88
CA THR A 152 -15.63 -16.08 -8.19
C THR A 152 -14.58 -15.20 -8.89
N PHE A 153 -13.37 -15.02 -8.29
CA PHE A 153 -12.28 -14.25 -8.89
C PHE A 153 -11.77 -14.85 -10.19
N ARG A 154 -11.76 -16.21 -10.32
CA ARG A 154 -11.34 -16.91 -11.54
C ARG A 154 -12.31 -16.58 -12.68
N PHE A 155 -13.58 -16.53 -12.35
CA PHE A 155 -14.62 -16.18 -13.30
C PHE A 155 -14.47 -14.72 -13.73
N ARG A 156 -14.30 -13.78 -12.77
CA ARG A 156 -14.12 -12.36 -13.11
C ARG A 156 -12.90 -12.17 -14.01
N ALA A 157 -11.76 -12.89 -13.71
CA ALA A 157 -10.53 -12.86 -14.50
C ALA A 157 -10.82 -13.30 -15.93
N ALA A 158 -11.70 -14.30 -16.10
CA ALA A 158 -12.08 -14.81 -17.43
C ALA A 158 -12.91 -13.76 -18.21
N VAL A 159 -13.85 -13.12 -17.54
CA VAL A 159 -14.67 -12.08 -18.15
C VAL A 159 -13.79 -10.89 -18.60
N SER A 160 -12.87 -10.43 -17.71
CA SER A 160 -11.96 -9.31 -17.97
C SER A 160 -11.12 -9.59 -19.22
N GLU A 161 -10.63 -10.83 -19.36
CA GLU A 161 -9.82 -11.23 -20.50
C GLU A 161 -10.65 -11.35 -21.79
N LEU A 162 -11.80 -12.05 -21.76
CA LEU A 162 -12.64 -12.24 -22.96
C LEU A 162 -13.31 -10.98 -23.46
N LEU A 163 -13.79 -10.16 -22.55
CA LEU A 163 -14.48 -8.95 -22.96
C LEU A 163 -13.50 -7.81 -23.23
N ASN A 164 -12.20 -7.98 -22.86
CA ASN A 164 -11.14 -6.97 -22.97
C ASN A 164 -11.53 -5.70 -22.21
N VAL A 165 -11.93 -5.91 -20.94
CA VAL A 165 -12.31 -4.86 -19.98
C VAL A 165 -11.35 -4.88 -18.80
N PRO A 166 -11.04 -3.75 -18.12
CA PRO A 166 -10.18 -3.86 -16.92
C PRO A 166 -10.77 -4.76 -15.82
N ILE A 167 -9.90 -5.46 -15.04
CA ILE A 167 -10.36 -6.37 -14.00
C ILE A 167 -11.27 -5.64 -12.99
N VAL A 168 -10.98 -4.37 -12.68
CA VAL A 168 -11.73 -3.58 -11.68
C VAL A 168 -13.18 -3.24 -12.11
N ALA A 169 -13.50 -3.43 -13.40
CA ALA A 169 -14.82 -3.17 -13.99
C ALA A 169 -15.80 -4.32 -13.81
N VAL A 170 -15.31 -5.52 -13.49
CA VAL A 170 -16.13 -6.74 -13.44
C VAL A 170 -16.65 -7.03 -12.05
N ASP A 171 -17.94 -7.37 -11.98
CA ASP A 171 -18.63 -7.84 -10.80
C ASP A 171 -19.39 -9.11 -11.15
N GLY A 172 -19.74 -9.90 -10.15
CA GLY A 172 -20.42 -11.17 -10.37
C GLY A 172 -19.96 -12.23 -9.41
N TYR A 173 -20.77 -13.29 -9.21
CA TYR A 173 -20.49 -14.32 -8.22
C TYR A 173 -20.68 -15.72 -8.69
N VAL A 174 -19.79 -16.62 -8.27
CA VAL A 174 -19.94 -18.06 -8.50
C VAL A 174 -20.44 -18.55 -7.15
N VAL A 175 -21.48 -19.40 -7.13
CA VAL A 175 -22.14 -19.86 -5.90
C VAL A 175 -22.36 -21.36 -5.80
N GLY A 176 -22.86 -21.80 -4.66
CA GLY A 176 -23.26 -23.19 -4.43
C GLY A 176 -22.18 -24.07 -3.81
N GLU A 177 -21.94 -25.22 -4.45
CA GLU A 177 -20.99 -26.21 -3.97
C GLU A 177 -19.66 -26.04 -4.70
N HIS A 178 -18.58 -25.75 -3.95
CA HIS A 178 -17.25 -25.63 -4.52
C HIS A 178 -16.92 -26.95 -5.21
N GLY A 179 -16.50 -26.86 -6.46
CA GLY A 179 -16.17 -28.01 -7.29
C GLY A 179 -16.85 -27.95 -8.64
N GLU A 180 -17.04 -29.11 -9.27
CA GLU A 180 -17.67 -29.20 -10.59
C GLU A 180 -19.09 -28.61 -10.68
N GLU A 181 -19.88 -28.61 -9.58
CA GLU A 181 -21.27 -28.09 -9.62
C GLU A 181 -21.42 -26.61 -9.28
N ALA A 182 -20.30 -25.92 -9.02
CA ALA A 182 -20.27 -24.48 -8.71
C ALA A 182 -20.87 -23.74 -9.91
N PHE A 183 -21.78 -22.79 -9.67
CA PHE A 183 -22.42 -22.15 -10.82
C PHE A 183 -22.39 -20.65 -10.79
N VAL A 184 -22.32 -20.04 -11.99
CA VAL A 184 -22.30 -18.59 -12.14
C VAL A 184 -23.70 -18.05 -11.87
N ALA A 185 -23.83 -17.09 -10.96
CA ALA A 185 -25.10 -16.43 -10.71
C ALA A 185 -25.12 -15.30 -11.75
N TRP A 186 -25.52 -15.62 -13.01
CA TRP A 186 -25.52 -14.68 -14.14
C TRP A 186 -26.28 -13.36 -13.93
N SER A 187 -27.30 -13.34 -13.02
CA SER A 187 -28.06 -12.12 -12.71
C SER A 187 -27.17 -11.05 -12.01
N THR A 188 -26.09 -11.49 -11.33
CA THR A 188 -25.16 -10.64 -10.58
C THR A 188 -23.95 -10.17 -11.43
N VAL A 189 -23.79 -10.70 -12.64
CA VAL A 189 -22.60 -10.39 -13.46
C VAL A 189 -22.77 -9.06 -14.20
N THR A 190 -21.89 -8.07 -13.88
CA THR A 190 -21.94 -6.72 -14.45
C THR A 190 -20.58 -6.18 -14.90
N ILE A 191 -20.59 -5.30 -15.91
CA ILE A 191 -19.38 -4.62 -16.41
C ILE A 191 -19.65 -3.13 -16.19
N LYS A 192 -18.94 -2.54 -15.23
CA LYS A 192 -19.08 -1.13 -14.85
C LYS A 192 -20.58 -0.80 -14.57
N GLY A 193 -21.21 -1.65 -13.75
CA GLY A 193 -22.63 -1.55 -13.40
C GLY A 193 -23.65 -1.87 -14.46
N ILE A 194 -23.23 -2.32 -15.66
CA ILE A 194 -24.13 -2.69 -16.75
C ILE A 194 -24.21 -4.22 -16.79
N HIS A 195 -25.45 -4.78 -16.77
CA HIS A 195 -25.60 -6.23 -16.85
C HIS A 195 -24.85 -6.79 -18.07
N ILE A 196 -24.12 -7.89 -17.87
CA ILE A 196 -23.22 -8.47 -18.89
C ILE A 196 -23.92 -8.76 -20.25
N ASP A 197 -25.14 -9.35 -20.26
CA ASP A 197 -25.88 -9.65 -21.49
C ASP A 197 -26.08 -8.39 -22.35
N GLN A 198 -26.53 -7.29 -21.69
CA GLN A 198 -26.75 -5.99 -22.30
C GLN A 198 -25.41 -5.41 -22.80
N TYR A 199 -24.34 -5.49 -21.97
CA TYR A 199 -23.00 -5.01 -22.29
C TYR A 199 -22.49 -5.67 -23.59
N ILE A 200 -22.54 -7.01 -23.67
CA ILE A 200 -22.09 -7.77 -24.85
C ILE A 200 -22.89 -7.41 -26.11
N LYS A 201 -24.23 -7.35 -26.00
CA LYS A 201 -25.14 -7.07 -27.13
C LYS A 201 -24.98 -5.64 -27.68
N GLU A 202 -24.86 -4.63 -26.81
CA GLU A 202 -24.73 -3.24 -27.24
C GLU A 202 -23.42 -3.00 -27.94
N ARG A 203 -22.40 -3.81 -27.60
CA ARG A 203 -21.05 -3.66 -28.15
C ARG A 203 -20.64 -4.71 -29.21
N ASN A 204 -21.57 -5.64 -29.59
CA ASN A 204 -21.35 -6.70 -30.59
C ASN A 204 -20.12 -7.59 -30.29
N ILE A 205 -19.93 -7.91 -28.99
CA ILE A 205 -18.81 -8.70 -28.49
C ILE A 205 -18.92 -10.18 -28.92
N ASN A 206 -20.17 -10.65 -29.16
CA ASN A 206 -20.49 -11.98 -29.73
C ASN A 206 -19.86 -13.16 -28.98
N ILE A 207 -19.93 -13.08 -27.66
CA ILE A 207 -19.43 -14.12 -26.77
C ILE A 207 -20.63 -14.68 -26.01
N SER A 208 -20.70 -16.03 -25.88
CA SER A 208 -21.79 -16.68 -25.15
C SER A 208 -21.37 -16.91 -23.69
N ARG A 209 -22.38 -17.09 -22.80
CA ARG A 209 -22.18 -17.39 -21.38
C ARG A 209 -21.40 -18.73 -21.34
N GLU A 210 -21.76 -19.64 -22.26
CA GLU A 210 -21.16 -20.96 -22.44
C GLU A 210 -19.68 -20.88 -22.80
N GLN A 211 -19.25 -19.93 -23.67
CA GLN A 211 -17.82 -19.78 -24.03
C GLN A 211 -17.03 -19.29 -22.81
N ILE A 212 -17.61 -18.38 -21.98
CA ILE A 212 -16.94 -17.89 -20.77
C ILE A 212 -16.72 -19.05 -19.77
N GLU A 213 -17.79 -19.81 -19.50
CA GLU A 213 -17.76 -20.96 -18.60
C GLU A 213 -16.74 -22.01 -19.07
N LYS A 214 -16.68 -22.29 -20.39
CA LYS A 214 -15.69 -23.23 -20.96
C LYS A 214 -14.27 -22.68 -20.75
N TYR A 215 -14.08 -21.37 -20.99
CA TYR A 215 -12.78 -20.71 -20.83
C TYR A 215 -12.26 -20.87 -19.37
N VAL A 216 -13.15 -20.68 -18.37
CA VAL A 216 -12.81 -20.82 -16.95
C VAL A 216 -12.26 -22.23 -16.67
N LYS A 217 -12.97 -23.25 -17.17
CA LYS A 217 -12.57 -24.65 -16.99
C LYS A 217 -11.24 -24.96 -17.65
N ASP A 218 -11.03 -24.48 -18.90
CA ASP A 218 -9.76 -24.70 -19.62
C ASP A 218 -8.57 -24.01 -18.90
N VAL A 219 -8.80 -22.81 -18.34
CA VAL A 219 -7.75 -22.08 -17.61
C VAL A 219 -7.41 -22.86 -16.34
N ALA A 220 -8.43 -23.29 -15.58
CA ALA A 220 -8.26 -24.08 -14.34
C ALA A 220 -7.49 -25.38 -14.61
N ALA A 221 -7.82 -26.08 -15.73
CA ALA A 221 -7.14 -27.31 -16.17
C ALA A 221 -5.67 -27.06 -16.45
N SER A 222 -5.34 -25.91 -17.11
CA SER A 222 -3.94 -25.57 -17.44
C SER A 222 -3.09 -25.41 -16.18
N ILE A 223 -3.68 -24.88 -15.10
CA ILE A 223 -2.97 -24.68 -13.82
C ILE A 223 -2.61 -26.01 -13.16
N ILE A 224 -3.54 -26.98 -13.19
CA ILE A 224 -3.37 -28.33 -12.62
C ILE A 224 -2.29 -29.12 -13.35
N ALA A 225 -2.38 -29.21 -14.69
CA ALA A 225 -1.45 -29.98 -15.52
C ALA A 225 0.00 -29.50 -15.42
N SER A 226 0.22 -28.21 -15.11
CA SER A 226 1.55 -27.61 -14.96
C SER A 226 2.10 -27.56 -13.51
N GLN A 227 1.31 -27.13 -12.50
CA GLN A 227 1.86 -27.07 -11.14
C GLN A 227 1.14 -27.98 -10.10
N GLY A 228 0.19 -28.78 -10.54
CA GLY A 228 -0.52 -29.73 -9.67
C GLY A 228 -1.71 -29.20 -8.91
N ALA A 229 -1.67 -27.91 -8.54
CA ALA A 229 -2.75 -27.22 -7.81
C ALA A 229 -2.56 -25.71 -7.96
N THR A 230 -3.60 -24.95 -7.62
CA THR A 230 -3.59 -23.48 -7.58
C THR A 230 -2.87 -23.08 -6.30
N ILE A 231 -2.09 -21.98 -6.35
CA ILE A 231 -1.27 -21.52 -5.21
C ILE A 231 -1.45 -20.06 -4.93
N TRP A 232 -1.18 -19.24 -5.94
CA TRP A 232 -1.20 -17.79 -5.87
C TRP A 232 -2.59 -17.23 -5.67
N GLY A 233 -3.55 -17.62 -6.53
CA GLY A 233 -4.95 -17.23 -6.39
C GLY A 233 -5.52 -17.57 -5.02
N PRO A 234 -5.42 -18.83 -4.51
CA PRO A 234 -6.00 -19.14 -3.17
C PRO A 234 -5.38 -18.32 -2.03
N ALA A 235 -4.05 -18.18 -2.02
CA ALA A 235 -3.40 -17.39 -0.96
C ALA A 235 -3.91 -15.94 -0.91
N ALA A 236 -4.06 -15.28 -2.08
CA ALA A 236 -4.62 -13.91 -2.17
C ALA A 236 -6.03 -13.86 -1.55
N THR A 237 -6.88 -14.91 -1.80
CA THR A 237 -8.25 -14.97 -1.28
C THR A 237 -8.30 -15.10 0.23
N PHE A 238 -7.34 -15.83 0.86
CA PHE A 238 -7.31 -15.96 2.32
C PHE A 238 -7.03 -14.61 2.93
N GLN A 239 -6.12 -13.81 2.31
CA GLN A 239 -5.76 -12.47 2.78
C GLN A 239 -7.03 -11.60 2.74
N GLU A 240 -7.72 -11.62 1.60
CA GLU A 240 -8.95 -10.85 1.39
C GLU A 240 -9.99 -11.12 2.46
N ILE A 241 -10.27 -12.41 2.69
CA ILE A 241 -11.29 -12.88 3.63
C ILE A 241 -10.94 -12.53 5.08
N VAL A 242 -9.76 -12.95 5.55
CA VAL A 242 -9.30 -12.71 6.91
C VAL A 242 -9.28 -11.21 7.30
N VAL A 243 -8.75 -10.36 6.40
CA VAL A 243 -8.65 -8.93 6.63
C VAL A 243 -10.04 -8.29 6.64
N SER A 244 -10.94 -8.67 5.67
CA SER A 244 -12.30 -8.14 5.67
C SER A 244 -12.99 -8.46 6.98
N HIS A 245 -12.75 -9.65 7.56
CA HIS A 245 -13.34 -10.01 8.85
C HIS A 245 -12.74 -9.21 10.03
N LEU A 246 -11.40 -9.28 10.22
CA LEU A 246 -10.69 -8.63 11.33
C LEU A 246 -10.67 -7.10 11.28
N ALA A 247 -10.85 -6.49 10.09
CA ALA A 247 -10.91 -5.02 9.99
C ALA A 247 -12.34 -4.54 9.79
N ASN A 248 -13.31 -5.43 9.96
CA ASN A 248 -14.76 -5.14 9.79
C ASN A 248 -15.05 -4.34 8.49
N GLU A 249 -14.44 -4.78 7.38
CA GLU A 249 -14.57 -4.11 6.06
C GLU A 249 -15.91 -4.26 5.40
N SER A 250 -16.67 -5.31 5.76
CA SER A 250 -17.97 -5.61 5.16
C SER A 250 -17.92 -5.72 3.62
N LYS A 251 -16.94 -6.44 3.12
CA LYS A 251 -16.85 -6.77 1.67
C LYS A 251 -17.78 -7.95 1.34
N ILE A 252 -18.34 -7.97 0.15
CA ILE A 252 -19.20 -9.10 -0.25
C ILE A 252 -18.35 -10.13 -0.96
N ILE A 253 -18.18 -11.30 -0.33
CA ILE A 253 -17.44 -12.41 -0.92
C ILE A 253 -18.22 -13.73 -0.73
N PRO A 254 -18.45 -14.54 -1.79
CA PRO A 254 -19.11 -15.85 -1.58
C PRO A 254 -18.15 -16.76 -0.82
N ILE A 255 -18.59 -17.25 0.32
CA ILE A 255 -17.79 -18.13 1.18
C ILE A 255 -18.73 -19.24 1.65
N SER A 256 -18.18 -20.38 2.09
CA SER A 256 -18.92 -21.53 2.63
C SER A 256 -19.33 -21.19 4.09
N LEU A 257 -20.64 -20.97 4.32
CA LEU A 257 -21.13 -20.59 5.64
C LEU A 257 -22.26 -21.48 6.13
N PRO A 258 -22.16 -22.09 7.34
CA PRO A 258 -23.30 -22.87 7.87
C PRO A 258 -24.48 -21.94 8.04
N GLN A 259 -25.53 -22.21 7.27
CA GLN A 259 -26.72 -21.38 7.27
C GLN A 259 -27.98 -22.24 7.16
N ASN A 260 -29.13 -21.69 7.61
CA ASN A 260 -30.40 -22.40 7.46
C ASN A 260 -30.90 -22.15 6.04
N ILE A 261 -31.06 -23.24 5.27
CA ILE A 261 -31.51 -23.21 3.90
C ILE A 261 -32.90 -23.81 3.87
N GLU A 262 -33.90 -23.00 3.45
CA GLU A 262 -35.31 -23.35 3.34
C GLU A 262 -35.53 -24.71 2.66
N GLY A 263 -36.13 -25.65 3.40
CA GLY A 263 -36.44 -27.00 2.93
C GLY A 263 -35.28 -27.98 2.87
N VAL A 264 -34.11 -27.59 3.41
CA VAL A 264 -32.90 -28.43 3.46
C VAL A 264 -32.37 -28.51 4.90
N GLY A 265 -32.42 -27.40 5.63
CA GLY A 265 -31.90 -27.29 6.99
C GLY A 265 -30.58 -26.54 7.06
N ARG A 266 -29.82 -26.73 8.17
CA ARG A 266 -28.52 -26.10 8.37
C ARG A 266 -27.41 -26.78 7.54
N VAL A 267 -26.83 -26.02 6.61
CA VAL A 267 -25.78 -26.50 5.71
C VAL A 267 -24.80 -25.36 5.35
N ALA A 268 -23.51 -25.71 5.16
CA ALA A 268 -22.49 -24.77 4.72
C ALA A 268 -22.49 -24.82 3.21
N VAL A 269 -22.87 -23.71 2.58
CA VAL A 269 -22.97 -23.57 1.13
C VAL A 269 -22.48 -22.17 0.80
N SER A 270 -22.06 -21.95 -0.45
CA SER A 270 -21.61 -20.58 -0.84
C SER A 270 -22.71 -19.72 -1.47
N VAL A 271 -22.88 -18.51 -0.93
CA VAL A 271 -23.73 -17.42 -1.43
C VAL A 271 -22.99 -16.11 -1.19
N PRO A 272 -23.19 -14.99 -1.96
CA PRO A 272 -22.47 -13.73 -1.62
C PRO A 272 -22.78 -13.33 -0.18
N THR A 273 -21.73 -13.24 0.63
CA THR A 273 -21.81 -13.02 2.06
C THR A 273 -21.11 -11.75 2.48
N ILE A 274 -21.72 -10.98 3.41
CA ILE A 274 -21.05 -9.81 3.99
C ILE A 274 -19.95 -10.37 4.94
N ILE A 275 -18.69 -10.02 4.66
CA ILE A 275 -17.54 -10.44 5.49
C ILE A 275 -17.18 -9.31 6.45
N SER A 276 -17.67 -9.38 7.68
CA SER A 276 -17.35 -8.42 8.74
C SER A 276 -17.12 -9.18 10.06
N GLY A 277 -17.16 -8.48 11.21
CA GLY A 277 -17.08 -9.12 12.52
C GLY A 277 -18.09 -10.26 12.60
N ARG A 278 -19.35 -10.00 12.18
CA ARG A 278 -20.37 -11.04 12.02
C ARG A 278 -20.47 -11.30 10.51
N LEU A 279 -20.77 -12.54 10.12
CA LEU A 279 -20.94 -12.91 8.70
C LEU A 279 -22.42 -13.09 8.42
N LYS A 280 -22.87 -12.45 7.32
CA LYS A 280 -24.27 -12.47 6.92
C LYS A 280 -24.44 -12.92 5.46
N PRO A 281 -25.10 -14.09 5.25
CA PRO A 281 -25.30 -14.55 3.86
C PRO A 281 -26.43 -13.72 3.23
N LEU A 282 -26.32 -13.42 1.94
CA LEU A 282 -27.31 -12.64 1.23
C LEU A 282 -27.90 -13.44 0.07
N VAL A 283 -28.70 -14.49 0.40
CA VAL A 283 -29.38 -15.33 -0.60
C VAL A 283 -30.25 -14.48 -1.58
N GLN A 284 -30.79 -13.32 -1.11
CA GLN A 284 -31.62 -12.40 -1.87
C GLN A 284 -30.88 -11.71 -3.03
N LEU A 285 -29.53 -11.79 -3.06
CA LEU A 285 -28.77 -11.26 -4.22
C LEU A 285 -28.96 -12.17 -5.46
N LEU A 286 -29.39 -13.41 -5.21
CA LEU A 286 -29.68 -14.38 -6.27
C LEU A 286 -31.14 -14.26 -6.71
N ASN A 287 -31.42 -14.50 -8.00
CA ASN A 287 -32.80 -14.45 -8.50
C ASN A 287 -33.53 -15.74 -8.12
N GLU A 288 -34.84 -15.87 -8.45
CA GLU A 288 -35.65 -17.05 -8.14
C GLU A 288 -35.03 -18.37 -8.59
N GLU A 289 -34.61 -18.47 -9.87
CA GLU A 289 -34.04 -19.67 -10.46
C GLU A 289 -32.66 -20.01 -9.87
N GLU A 290 -31.83 -18.99 -9.58
CA GLU A 290 -30.49 -19.24 -8.97
C GLU A 290 -30.66 -19.81 -7.56
N GLN A 291 -31.71 -19.36 -6.86
CA GLN A 291 -32.09 -19.83 -5.53
C GLN A 291 -32.53 -21.27 -5.52
N GLU A 292 -33.21 -21.75 -6.60
CA GLU A 292 -33.61 -23.15 -6.69
C GLU A 292 -32.39 -24.06 -6.87
N ARG A 293 -31.42 -23.62 -7.68
CA ARG A 293 -30.16 -24.34 -7.89
C ARG A 293 -29.33 -24.35 -6.61
N LEU A 294 -29.46 -23.29 -5.79
CA LEU A 294 -28.72 -23.20 -4.53
C LEU A 294 -29.26 -24.23 -3.54
N LYS A 295 -30.59 -24.39 -3.49
CA LYS A 295 -31.25 -25.39 -2.65
C LYS A 295 -30.73 -26.78 -3.04
N ARG A 296 -30.60 -27.04 -4.36
CA ARG A 296 -30.10 -28.28 -4.94
C ARG A 296 -28.63 -28.53 -4.59
N ALA A 297 -27.78 -27.46 -4.60
CA ALA A 297 -26.37 -27.55 -4.20
C ALA A 297 -26.28 -27.84 -2.70
N ALA A 298 -27.16 -27.19 -1.90
CA ALA A 298 -27.24 -27.37 -0.45
C ALA A 298 -27.59 -28.83 -0.07
N LYS A 299 -28.48 -29.50 -0.85
CA LYS A 299 -28.87 -30.90 -0.63
C LYS A 299 -27.68 -31.82 -0.90
N ALA A 300 -26.93 -31.56 -2.00
CA ALA A 300 -25.75 -32.30 -2.45
C ALA A 300 -24.64 -32.31 -1.39
N ILE A 301 -24.44 -31.18 -0.70
CA ILE A 301 -23.43 -31.03 0.35
C ILE A 301 -23.89 -31.83 1.57
N ARG A 302 -25.17 -31.70 1.94
CA ARG A 302 -25.78 -32.40 3.06
C ARG A 302 -25.65 -33.93 2.85
N ASN A 303 -25.89 -34.41 1.61
CA ASN A 303 -25.75 -35.84 1.28
C ASN A 303 -24.35 -36.37 1.54
N VAL A 304 -23.31 -35.63 1.10
CA VAL A 304 -21.89 -35.97 1.30
C VAL A 304 -21.59 -35.94 2.80
N TYR A 305 -22.09 -34.91 3.51
CA TYR A 305 -21.91 -34.77 4.97
C TYR A 305 -22.49 -35.98 5.69
N GLU A 306 -23.68 -36.43 5.27
CA GLU A 306 -24.38 -37.57 5.85
C GLU A 306 -23.68 -38.91 5.66
N SER A 307 -22.74 -39.00 4.70
CA SER A 307 -22.00 -40.23 4.39
C SER A 307 -20.74 -40.47 5.26
N ILE A 308 -20.37 -39.50 6.15
CA ILE A 308 -19.21 -39.62 7.04
C ILE A 308 -19.63 -40.49 8.23
N ARG B 3 3.12 3.10 -9.25
CA ARG B 3 2.55 3.08 -10.61
C ARG B 3 3.65 3.17 -11.69
N ILE B 4 4.17 2.01 -12.17
CA ILE B 4 5.22 2.05 -13.20
C ILE B 4 4.77 1.33 -14.50
N PRO B 5 4.80 2.06 -15.65
CA PRO B 5 4.31 1.48 -16.91
C PRO B 5 5.32 0.64 -17.69
N TYR B 6 6.26 -0.02 -17.01
CA TYR B 6 7.27 -0.84 -17.67
C TYR B 6 6.91 -2.34 -17.73
N LYS B 7 7.79 -3.14 -18.33
CA LYS B 7 7.63 -4.57 -18.48
C LYS B 7 8.82 -5.25 -17.85
N VAL B 8 8.57 -6.31 -17.05
CA VAL B 8 9.61 -7.11 -16.41
C VAL B 8 9.48 -8.55 -16.87
N ALA B 9 10.58 -9.11 -17.38
CA ALA B 9 10.70 -10.48 -17.88
C ALA B 9 11.34 -11.36 -16.79
N VAL B 10 10.87 -12.61 -16.69
CA VAL B 10 11.36 -13.58 -15.72
C VAL B 10 11.83 -14.81 -16.49
N ILE B 11 13.13 -15.12 -16.37
CA ILE B 11 13.75 -16.26 -17.06
C ILE B 11 13.95 -17.38 -16.08
N GLY B 12 13.02 -18.33 -16.11
CA GLY B 12 12.95 -19.46 -15.22
C GLY B 12 11.83 -19.18 -14.23
N THR B 13 10.71 -19.89 -14.38
CA THR B 13 9.56 -19.67 -13.50
C THR B 13 9.40 -20.83 -12.55
N GLY B 14 10.50 -21.21 -11.92
CA GLY B 14 10.51 -22.25 -10.87
C GLY B 14 9.96 -21.61 -9.60
N ARG B 15 10.28 -22.15 -8.41
CA ARG B 15 9.79 -21.58 -7.13
C ARG B 15 10.14 -20.09 -6.95
N VAL B 16 11.42 -19.72 -7.09
CA VAL B 16 11.92 -18.34 -6.98
C VAL B 16 11.29 -17.43 -8.06
N GLY B 17 11.29 -17.87 -9.31
CA GLY B 17 10.75 -17.13 -10.45
C GLY B 17 9.26 -16.83 -10.32
N ALA B 18 8.47 -17.86 -9.98
CA ALA B 18 7.01 -17.73 -9.80
C ALA B 18 6.66 -16.85 -8.58
N THR B 19 7.42 -16.97 -7.46
CA THR B 19 7.22 -16.16 -6.25
C THR B 19 7.53 -14.69 -6.59
N PHE B 20 8.61 -14.46 -7.37
CA PHE B 20 8.95 -13.10 -7.81
C PHE B 20 7.84 -12.50 -8.68
N ALA B 21 7.25 -13.30 -9.59
CA ALA B 21 6.17 -12.88 -10.49
C ALA B 21 4.91 -12.53 -9.66
N TYR B 22 4.62 -13.32 -8.61
CA TYR B 22 3.51 -13.07 -7.69
C TYR B 22 3.68 -11.76 -6.94
N THR B 23 4.92 -11.47 -6.49
CA THR B 23 5.29 -10.27 -5.72
C THR B 23 4.99 -9.03 -6.56
N MET B 24 5.37 -9.11 -7.85
CA MET B 24 5.17 -8.04 -8.82
CA MET B 24 5.18 -8.06 -8.85
C MET B 24 3.69 -7.76 -9.07
N ALA B 25 2.88 -8.81 -9.12
CA ALA B 25 1.44 -8.79 -9.34
C ALA B 25 0.60 -8.19 -8.22
N VAL B 26 0.97 -8.45 -6.95
CA VAL B 26 0.19 -8.08 -5.76
C VAL B 26 0.72 -6.88 -4.97
N VAL B 27 2.01 -6.53 -5.14
CA VAL B 27 2.63 -5.41 -4.41
C VAL B 27 2.62 -4.20 -5.35
N PRO B 28 2.29 -2.97 -4.89
CA PRO B 28 2.26 -1.82 -5.81
C PRO B 28 3.52 -1.64 -6.67
N GLY B 29 3.31 -1.31 -7.93
CA GLY B 29 4.40 -1.06 -8.87
C GLY B 29 4.15 -1.38 -10.33
N ILE B 30 4.51 -2.61 -10.72
CA ILE B 30 4.53 -3.17 -12.08
C ILE B 30 3.15 -3.42 -12.69
N ALA B 31 3.07 -3.22 -14.02
CA ALA B 31 1.91 -3.36 -14.89
C ALA B 31 2.05 -4.51 -15.90
N ARG B 32 3.21 -4.63 -16.61
CA ARG B 32 3.43 -5.68 -17.60
C ARG B 32 4.47 -6.73 -17.17
N MET B 33 4.20 -8.00 -17.51
CA MET B 33 5.04 -9.14 -17.15
C MET B 33 5.18 -10.15 -18.28
N THR B 34 6.39 -10.74 -18.39
CA THR B 34 6.73 -11.80 -19.36
C THR B 34 7.33 -12.94 -18.56
N LEU B 35 6.74 -14.13 -18.66
CA LEU B 35 7.19 -15.31 -17.93
C LEU B 35 7.71 -16.34 -18.92
N VAL B 36 8.94 -16.83 -18.71
CA VAL B 36 9.57 -17.81 -19.60
C VAL B 36 10.15 -18.97 -18.78
N ASP B 37 9.93 -20.21 -19.26
CA ASP B 37 10.49 -21.46 -18.72
C ASP B 37 10.49 -22.52 -19.81
N VAL B 38 11.59 -23.29 -19.89
CA VAL B 38 11.81 -24.35 -20.90
C VAL B 38 10.76 -25.49 -20.77
N VAL B 39 10.36 -25.85 -19.52
CA VAL B 39 9.39 -26.89 -19.18
C VAL B 39 8.03 -26.56 -19.85
N PRO B 40 7.55 -27.38 -20.83
CA PRO B 40 6.26 -27.06 -21.48
C PRO B 40 5.07 -26.93 -20.55
N GLY B 41 4.34 -25.82 -20.69
CA GLY B 41 3.15 -25.49 -19.93
C GLY B 41 3.35 -24.81 -18.58
N LEU B 42 4.57 -24.91 -18.00
CA LEU B 42 4.89 -24.35 -16.68
C LEU B 42 4.69 -22.83 -16.56
N ALA B 43 5.28 -22.02 -17.47
CA ALA B 43 5.12 -20.55 -17.43
C ALA B 43 3.66 -20.13 -17.59
N LYS B 44 2.92 -20.83 -18.48
CA LYS B 44 1.49 -20.57 -18.74
C LYS B 44 0.65 -20.75 -17.47
N GLY B 45 0.82 -21.88 -16.76
CA GLY B 45 0.12 -22.18 -15.53
C GLY B 45 0.38 -21.19 -14.41
N VAL B 46 1.67 -20.80 -14.25
CA VAL B 46 2.14 -19.82 -13.26
C VAL B 46 1.48 -18.44 -13.55
N MET B 47 1.34 -18.11 -14.85
CA MET B 47 0.73 -16.88 -15.33
C MET B 47 -0.76 -16.83 -14.99
N GLU B 48 -1.52 -17.91 -15.31
CA GLU B 48 -2.97 -17.98 -15.10
C GLU B 48 -3.35 -17.84 -13.62
N ASP B 49 -2.56 -18.48 -12.74
CA ASP B 49 -2.77 -18.45 -11.29
C ASP B 49 -2.54 -17.03 -10.73
N ILE B 50 -1.45 -16.36 -11.18
CA ILE B 50 -1.08 -15.00 -10.78
C ILE B 50 -2.15 -14.00 -11.25
N LYS B 51 -2.77 -14.25 -12.42
CA LYS B 51 -3.87 -13.42 -12.94
C LYS B 51 -5.06 -13.51 -11.99
N HIS B 52 -5.33 -14.71 -11.44
CA HIS B 52 -6.41 -14.89 -10.49
C HIS B 52 -6.10 -14.09 -9.21
N ALA B 53 -4.83 -14.13 -8.74
CA ALA B 53 -4.40 -13.38 -7.54
C ALA B 53 -4.52 -11.87 -7.80
N ALA B 54 -4.19 -11.38 -9.02
CA ALA B 54 -4.33 -9.95 -9.34
C ALA B 54 -5.79 -9.53 -9.34
N ALA B 55 -6.71 -10.43 -9.78
CA ALA B 55 -8.16 -10.23 -9.75
C ALA B 55 -8.61 -9.96 -8.30
N VAL B 56 -8.03 -10.71 -7.32
CA VAL B 56 -8.30 -10.57 -5.89
C VAL B 56 -7.87 -9.18 -5.38
N PHE B 57 -6.63 -8.73 -5.69
CA PHE B 57 -6.20 -7.43 -5.19
C PHE B 57 -6.66 -6.25 -6.07
N ARG B 58 -7.43 -6.57 -7.13
CA ARG B 58 -7.95 -5.64 -8.14
C ARG B 58 -6.84 -4.84 -8.77
N ARG B 59 -5.81 -5.55 -9.18
CA ARG B 59 -4.66 -4.98 -9.82
C ARG B 59 -4.75 -5.34 -11.29
N SER B 60 -4.84 -4.32 -12.15
CA SER B 60 -4.92 -4.53 -13.59
C SER B 60 -3.49 -4.77 -14.10
N ILE B 61 -3.18 -6.03 -14.46
CA ILE B 61 -1.87 -6.42 -14.98
C ILE B 61 -2.00 -7.16 -16.31
N THR B 62 -0.94 -7.11 -17.13
CA THR B 62 -0.89 -7.80 -18.42
C THR B 62 0.25 -8.79 -18.39
N VAL B 63 -0.08 -10.08 -18.53
CA VAL B 63 0.92 -11.15 -18.47
C VAL B 63 1.01 -11.93 -19.77
N GLU B 64 2.24 -12.28 -20.14
CA GLU B 64 2.55 -13.10 -21.32
C GLU B 64 3.42 -14.26 -20.86
N ALA B 65 3.15 -15.45 -21.39
CA ALA B 65 3.94 -16.62 -21.04
C ALA B 65 4.45 -17.31 -22.29
N PHE B 66 5.73 -17.71 -22.27
CA PHE B 66 6.39 -18.37 -23.40
C PHE B 66 7.27 -19.54 -22.90
N GLU B 67 7.70 -20.40 -23.84
CA GLU B 67 8.59 -21.53 -23.60
C GLU B 67 9.97 -21.27 -24.22
N ASP B 68 10.11 -20.17 -24.98
CA ASP B 68 11.35 -19.77 -25.62
C ASP B 68 11.77 -18.38 -25.18
N VAL B 69 13.03 -18.25 -24.75
CA VAL B 69 13.68 -17.01 -24.32
C VAL B 69 13.69 -15.95 -25.45
N SER B 70 13.82 -16.41 -26.73
CA SER B 70 13.84 -15.55 -27.92
C SER B 70 12.56 -14.73 -28.11
N LYS B 71 11.46 -15.14 -27.46
CA LYS B 71 10.16 -14.47 -27.54
C LYS B 71 10.11 -13.18 -26.69
N VAL B 72 11.10 -12.99 -25.78
CA VAL B 72 11.21 -11.80 -24.93
C VAL B 72 11.71 -10.61 -25.76
N GLU B 73 10.90 -9.54 -25.81
CA GLU B 73 11.24 -8.29 -26.51
C GLU B 73 10.62 -7.09 -25.81
N ASN B 74 11.35 -5.95 -25.83
CA ASN B 74 11.00 -4.67 -25.20
C ASN B 74 10.86 -4.75 -23.68
N ALA B 75 11.59 -5.66 -23.03
CA ALA B 75 11.55 -5.75 -21.56
C ALA B 75 12.44 -4.67 -20.96
N ASP B 76 11.98 -4.03 -19.89
CA ASP B 76 12.70 -2.96 -19.19
C ASP B 76 13.55 -3.50 -18.05
N ALA B 77 13.22 -4.70 -17.56
CA ALA B 77 13.94 -5.42 -16.52
C ALA B 77 13.81 -6.92 -16.78
N ILE B 78 14.92 -7.63 -16.73
CA ILE B 78 14.94 -9.07 -17.00
C ILE B 78 15.63 -9.79 -15.84
N VAL B 79 14.88 -10.60 -15.08
CA VAL B 79 15.44 -11.35 -13.92
C VAL B 79 15.68 -12.81 -14.30
N ILE B 80 16.93 -13.25 -14.18
CA ILE B 80 17.33 -14.59 -14.62
C ILE B 80 17.63 -15.50 -13.45
N THR B 81 16.73 -16.47 -13.26
CA THR B 81 16.81 -17.47 -12.19
C THR B 81 17.23 -18.84 -12.76
N ALA B 82 17.33 -18.95 -14.10
CA ALA B 82 17.77 -20.16 -14.80
C ALA B 82 19.19 -20.58 -14.37
N GLY B 83 19.55 -21.82 -14.61
CA GLY B 83 20.85 -22.36 -14.23
C GLY B 83 20.72 -23.63 -13.42
N LYS B 84 21.83 -24.34 -13.26
CA LYS B 84 21.86 -25.60 -12.51
C LYS B 84 22.29 -25.37 -11.07
N PRO B 85 21.73 -26.09 -10.07
CA PRO B 85 22.18 -25.87 -8.68
C PRO B 85 23.55 -26.52 -8.44
N ARG B 86 24.28 -26.05 -7.42
CA ARG B 86 25.58 -26.63 -7.08
C ARG B 86 25.37 -27.98 -6.39
N LYS B 87 25.94 -29.05 -6.99
CA LYS B 87 25.89 -30.40 -6.42
C LYS B 87 27.03 -30.50 -5.40
N ALA B 88 26.86 -31.34 -4.37
CA ALA B 88 27.81 -31.56 -3.27
C ALA B 88 29.25 -31.86 -3.72
N ASP B 89 29.42 -32.59 -4.85
CA ASP B 89 30.71 -32.97 -5.42
C ASP B 89 31.40 -31.83 -6.18
N MET B 90 30.63 -31.04 -6.95
CA MET B 90 31.09 -29.94 -7.79
C MET B 90 31.81 -28.81 -7.06
N SER B 91 32.89 -28.29 -7.69
CA SER B 91 33.68 -27.15 -7.23
C SER B 91 33.01 -25.86 -7.74
N ARG B 92 33.40 -24.70 -7.18
CA ARG B 92 32.91 -23.38 -7.61
C ARG B 92 33.30 -23.12 -9.07
N ARG B 93 34.38 -23.78 -9.54
CA ARG B 93 34.88 -23.70 -10.90
C ARG B 93 33.98 -24.54 -11.81
N ASP B 94 33.58 -25.73 -11.35
CA ASP B 94 32.71 -26.66 -12.08
C ASP B 94 31.33 -26.05 -12.35
N LEU B 95 30.76 -25.34 -11.35
CA LEU B 95 29.46 -24.67 -11.48
C LEU B 95 29.60 -23.47 -12.43
N ALA B 96 30.71 -22.71 -12.31
CA ALA B 96 31.01 -21.56 -13.17
C ALA B 96 31.04 -22.02 -14.63
N ASN B 97 31.69 -23.18 -14.91
CA ASN B 97 31.78 -23.75 -16.25
C ASN B 97 30.42 -24.17 -16.82
N VAL B 98 29.57 -24.80 -15.99
CA VAL B 98 28.23 -25.27 -16.40
C VAL B 98 27.29 -24.09 -16.66
N ASN B 99 27.14 -23.19 -15.68
CA ASN B 99 26.25 -22.03 -15.79
C ASN B 99 26.74 -20.92 -16.72
N ALA B 100 28.06 -20.83 -17.00
CA ALA B 100 28.61 -19.81 -17.91
C ALA B 100 28.01 -19.89 -19.32
N GLN B 101 27.85 -21.12 -19.85
CA GLN B 101 27.26 -21.38 -21.17
C GLN B 101 25.76 -21.05 -21.16
N ILE B 102 25.06 -21.44 -20.07
CA ILE B 102 23.63 -21.20 -19.88
C ILE B 102 23.33 -19.69 -19.94
N ILE B 103 24.09 -18.88 -19.16
CA ILE B 103 24.00 -17.41 -19.09
C ILE B 103 24.38 -16.78 -20.46
N ARG B 104 25.38 -17.37 -21.14
CA ARG B 104 25.81 -16.89 -22.45
C ARG B 104 24.71 -17.11 -23.49
N ASP B 105 24.08 -18.31 -23.50
CA ASP B 105 23.02 -18.63 -24.46
C ASP B 105 21.76 -17.80 -24.24
N ILE B 106 21.42 -17.51 -22.97
CA ILE B 106 20.28 -16.64 -22.64
C ILE B 106 20.59 -15.20 -23.09
N GLY B 107 21.79 -14.71 -22.77
CA GLY B 107 22.23 -13.37 -23.16
C GLY B 107 22.22 -13.16 -24.66
N ASP B 108 22.67 -14.17 -25.42
CA ASP B 108 22.70 -14.16 -26.88
C ASP B 108 21.31 -14.04 -27.52
N LYS B 109 20.28 -14.67 -26.91
CA LYS B 109 18.89 -14.67 -27.39
C LYS B 109 18.11 -13.41 -26.98
N LEU B 110 18.53 -12.75 -25.88
CA LEU B 110 17.89 -11.52 -25.38
C LEU B 110 18.51 -10.22 -25.89
N ARG B 111 19.84 -10.21 -26.10
CA ARG B 111 20.70 -9.07 -26.48
C ARG B 111 20.04 -8.03 -27.39
N ASP B 112 19.72 -8.43 -28.62
CA ASP B 112 19.18 -7.57 -29.69
C ASP B 112 17.74 -7.07 -29.49
N ARG B 113 16.88 -7.87 -28.86
CA ARG B 113 15.46 -7.56 -28.66
C ARG B 113 15.16 -6.73 -27.44
N ASN B 114 16.10 -6.63 -26.49
CA ASN B 114 15.83 -5.91 -25.23
C ASN B 114 16.87 -4.80 -24.94
N PRO B 115 16.86 -3.71 -25.75
CA PRO B 115 17.84 -2.64 -25.51
C PRO B 115 17.45 -1.74 -24.35
N GLY B 116 18.46 -1.36 -23.55
CA GLY B 116 18.31 -0.50 -22.40
C GLY B 116 17.74 -1.16 -21.16
N ALA B 117 17.61 -2.50 -21.18
CA ALA B 117 17.08 -3.29 -20.07
C ALA B 117 18.12 -3.60 -19.03
N LEU B 118 17.65 -3.67 -17.78
CA LEU B 118 18.46 -4.03 -16.64
C LEU B 118 18.35 -5.56 -16.52
N TYR B 119 19.48 -6.24 -16.70
CA TYR B 119 19.57 -7.70 -16.58
C TYR B 119 20.02 -7.95 -15.15
N VAL B 120 19.24 -8.74 -14.38
CA VAL B 120 19.53 -9.09 -12.98
C VAL B 120 19.82 -10.58 -12.93
N VAL B 121 21.11 -10.93 -12.80
CA VAL B 121 21.55 -12.32 -12.74
C VAL B 121 21.41 -12.82 -11.29
N VAL B 122 20.75 -13.98 -11.11
CA VAL B 122 20.58 -14.65 -9.81
C VAL B 122 21.49 -15.89 -9.78
N THR B 123 21.63 -16.54 -10.93
CA THR B 123 22.45 -17.74 -11.20
C THR B 123 23.84 -17.66 -10.53
N ASN B 124 24.25 -18.77 -9.86
CA ASN B 124 25.52 -18.86 -9.15
C ASN B 124 26.70 -19.47 -9.98
N PRO B 125 27.99 -19.12 -9.70
CA PRO B 125 28.48 -18.08 -8.75
C PRO B 125 28.08 -16.71 -9.32
N VAL B 126 27.18 -16.01 -8.60
CA VAL B 126 26.51 -14.77 -8.99
C VAL B 126 27.45 -13.67 -9.54
N ASP B 127 28.59 -13.38 -8.89
CA ASP B 127 29.55 -12.34 -9.36
C ASP B 127 30.20 -12.71 -10.68
N VAL B 128 30.60 -14.00 -10.84
CA VAL B 128 31.24 -14.51 -12.05
C VAL B 128 30.23 -14.53 -13.21
N MET B 129 28.99 -14.93 -12.92
CA MET B 129 27.90 -14.99 -13.91
C MET B 129 27.52 -13.61 -14.42
N THR B 130 27.57 -12.59 -13.53
CA THR B 130 27.30 -11.20 -13.86
C THR B 130 28.36 -10.70 -14.84
N MET B 131 29.63 -11.10 -14.63
CA MET B 131 30.75 -10.75 -15.52
C MET B 131 30.60 -11.41 -16.88
N VAL B 132 30.02 -12.63 -16.93
CA VAL B 132 29.79 -13.39 -18.16
C VAL B 132 28.69 -12.68 -18.97
N LEU B 133 27.53 -12.40 -18.33
CA LEU B 133 26.41 -11.73 -19.00
C LEU B 133 26.79 -10.30 -19.46
N ASP B 134 27.59 -9.57 -18.65
CA ASP B 134 28.07 -8.22 -18.95
C ASP B 134 28.92 -8.20 -20.25
N ASP B 135 29.72 -9.27 -20.51
CA ASP B 135 30.54 -9.39 -21.74
C ASP B 135 29.65 -9.53 -22.97
N VAL B 136 28.61 -10.39 -22.85
CA VAL B 136 27.66 -10.70 -23.92
C VAL B 136 26.81 -9.47 -24.24
N ILE B 137 26.20 -8.85 -23.23
CA ILE B 137 25.32 -7.69 -23.41
C ILE B 137 26.11 -6.42 -23.82
N GLY B 138 27.19 -6.10 -23.11
CA GLY B 138 27.99 -4.91 -23.36
C GLY B 138 27.22 -3.63 -23.10
N SER B 139 27.17 -2.74 -24.09
CA SER B 139 26.48 -1.43 -24.04
C SER B 139 24.97 -1.51 -24.33
N LYS B 140 24.48 -2.67 -24.80
CA LYS B 140 23.07 -2.89 -25.15
C LYS B 140 22.11 -2.95 -23.93
N GLY B 141 22.65 -2.84 -22.72
CA GLY B 141 21.89 -2.85 -21.48
C GLY B 141 22.77 -2.69 -20.25
N THR B 142 22.16 -2.85 -19.07
CA THR B 142 22.87 -2.76 -17.80
C THR B 142 22.83 -4.12 -17.10
N VAL B 143 23.99 -4.73 -16.93
CA VAL B 143 24.03 -6.03 -16.28
C VAL B 143 24.41 -5.88 -14.81
N ILE B 144 23.62 -6.50 -13.93
CA ILE B 144 23.83 -6.60 -12.49
C ILE B 144 23.53 -8.02 -12.02
N GLY B 145 23.96 -8.30 -10.82
CA GLY B 145 23.72 -9.56 -10.15
C GLY B 145 23.14 -9.25 -8.79
N THR B 146 22.42 -10.19 -8.20
CA THR B 146 21.85 -9.97 -6.87
C THR B 146 22.94 -9.74 -5.82
N GLY B 147 24.12 -10.34 -6.04
CA GLY B 147 25.27 -10.20 -5.16
C GLY B 147 24.98 -10.52 -3.71
N THR B 148 25.27 -9.57 -2.81
CA THR B 148 25.01 -9.75 -1.36
C THR B 148 23.75 -8.99 -0.88
N SER B 149 22.80 -8.70 -1.81
CA SER B 149 21.56 -7.97 -1.49
C SER B 149 20.76 -8.75 -0.44
N LEU B 150 20.43 -10.02 -0.71
CA LEU B 150 19.72 -10.82 0.29
C LEU B 150 20.57 -11.09 1.53
N ASP B 151 21.90 -11.34 1.39
CA ASP B 151 22.78 -11.54 2.56
C ASP B 151 22.68 -10.34 3.53
N THR B 152 22.47 -9.14 2.99
CA THR B 152 22.30 -7.92 3.76
C THR B 152 21.00 -7.97 4.58
N PHE B 153 19.85 -8.30 3.96
CA PHE B 153 18.56 -8.40 4.64
C PHE B 153 18.53 -9.55 5.67
N ARG B 154 19.25 -10.67 5.40
CA ARG B 154 19.35 -11.80 6.35
C ARG B 154 20.17 -11.38 7.56
N PHE B 155 21.29 -10.62 7.34
CA PHE B 155 22.10 -10.08 8.44
C PHE B 155 21.28 -9.13 9.33
N ARG B 156 20.55 -8.14 8.72
CA ARG B 156 19.72 -7.18 9.48
C ARG B 156 18.63 -7.89 10.31
N ALA B 157 17.98 -8.91 9.72
CA ALA B 157 16.96 -9.73 10.38
C ALA B 157 17.53 -10.48 11.58
N ALA B 158 18.79 -10.92 11.50
CA ALA B 158 19.44 -11.61 12.65
C ALA B 158 19.79 -10.60 13.75
N VAL B 159 20.16 -9.36 13.38
CA VAL B 159 20.48 -8.29 14.34
C VAL B 159 19.22 -7.91 15.12
N SER B 160 18.13 -7.70 14.36
CA SER B 160 16.81 -7.37 14.88
C SER B 160 16.33 -8.43 15.92
N GLU B 161 16.54 -9.72 15.61
CA GLU B 161 16.18 -10.83 16.50
C GLU B 161 17.05 -10.85 17.74
N LEU B 162 18.37 -10.79 17.53
CA LEU B 162 19.31 -10.90 18.65
C LEU B 162 19.36 -9.70 19.60
N LEU B 163 19.07 -8.47 19.10
CA LEU B 163 19.11 -7.26 19.93
C LEU B 163 17.73 -6.81 20.40
N ASN B 164 16.68 -7.55 20.00
CA ASN B 164 15.28 -7.30 20.32
C ASN B 164 14.82 -5.91 19.86
N VAL B 165 15.15 -5.57 18.62
CA VAL B 165 14.76 -4.30 18.03
C VAL B 165 13.92 -4.58 16.76
N PRO B 166 12.96 -3.71 16.39
CA PRO B 166 12.20 -3.96 15.15
C PRO B 166 13.12 -3.91 13.92
N ILE B 167 12.77 -4.67 12.89
CA ILE B 167 13.59 -4.69 11.68
C ILE B 167 13.83 -3.27 11.09
N VAL B 168 12.85 -2.35 11.19
CA VAL B 168 12.95 -0.97 10.65
C VAL B 168 14.14 -0.15 11.22
N ALA B 169 14.66 -0.54 12.40
CA ALA B 169 15.71 0.17 13.11
C ALA B 169 17.13 -0.15 12.69
N VAL B 170 17.33 -1.23 11.94
CA VAL B 170 18.64 -1.75 11.59
C VAL B 170 19.11 -1.32 10.20
N ASP B 171 20.39 -0.92 10.13
CA ASP B 171 21.08 -0.53 8.89
C ASP B 171 22.44 -1.22 8.90
N GLY B 172 23.03 -1.37 7.72
CA GLY B 172 24.30 -2.05 7.57
C GLY B 172 24.32 -2.95 6.36
N TYR B 173 25.49 -3.28 5.87
CA TYR B 173 25.59 -4.05 4.63
C TYR B 173 26.50 -5.23 4.70
N VAL B 174 26.19 -6.26 3.89
CA VAL B 174 27.04 -7.42 3.68
C VAL B 174 27.57 -7.14 2.28
N VAL B 175 28.88 -7.23 2.07
CA VAL B 175 29.56 -6.88 0.83
C VAL B 175 30.55 -7.99 0.37
N GLY B 176 31.19 -7.77 -0.77
CA GLY B 176 32.17 -8.68 -1.33
C GLY B 176 31.60 -9.75 -2.23
N GLU B 177 32.21 -10.93 -2.15
CA GLU B 177 31.88 -12.10 -2.95
C GLU B 177 30.73 -12.85 -2.29
N HIS B 178 29.58 -12.95 -2.99
CA HIS B 178 28.40 -13.65 -2.47
C HIS B 178 28.74 -15.12 -2.23
N GLY B 179 28.34 -15.61 -1.07
CA GLY B 179 28.59 -16.96 -0.63
C GLY B 179 29.25 -16.96 0.73
N GLU B 180 30.02 -18.04 1.03
CA GLU B 180 30.73 -18.27 2.29
C GLU B 180 31.76 -17.19 2.66
N GLU B 181 32.26 -16.43 1.67
CA GLU B 181 33.27 -15.39 1.91
C GLU B 181 32.70 -13.97 2.04
N ALA B 182 31.38 -13.77 1.81
CA ALA B 182 30.71 -12.45 1.96
C ALA B 182 30.91 -11.96 3.40
N PHE B 183 31.30 -10.69 3.56
CA PHE B 183 31.62 -10.17 4.90
C PHE B 183 30.80 -8.98 5.30
N VAL B 184 30.50 -8.91 6.62
CA VAL B 184 29.77 -7.77 7.19
C VAL B 184 30.71 -6.55 7.20
N ALA B 185 30.21 -5.41 6.71
CA ALA B 185 30.91 -4.13 6.79
C ALA B 185 30.42 -3.53 8.13
N TRP B 186 31.04 -3.96 9.25
CA TRP B 186 30.64 -3.56 10.60
C TRP B 186 30.59 -2.06 10.85
N SER B 187 31.41 -1.27 10.17
CA SER B 187 31.43 0.19 10.29
C SER B 187 30.12 0.86 9.82
N THR B 188 29.32 0.18 8.97
CA THR B 188 28.03 0.67 8.42
C THR B 188 26.81 0.18 9.29
N VAL B 189 27.05 -0.72 10.27
CA VAL B 189 25.97 -1.32 11.06
C VAL B 189 25.46 -0.39 12.18
N THR B 190 24.20 0.07 12.09
CA THR B 190 23.61 0.96 13.11
C THR B 190 22.22 0.50 13.57
N ILE B 191 21.81 0.92 14.80
CA ILE B 191 20.50 0.66 15.39
C ILE B 191 19.94 2.01 15.78
N LYS B 192 18.85 2.45 15.11
CA LYS B 192 18.24 3.78 15.29
C LYS B 192 19.34 4.86 15.09
N GLY B 193 20.23 4.62 14.12
CA GLY B 193 21.37 5.48 13.80
C GLY B 193 22.55 5.45 14.76
N ILE B 194 22.54 4.54 15.76
CA ILE B 194 23.65 4.39 16.71
C ILE B 194 24.49 3.22 16.22
N HIS B 195 25.80 3.42 16.01
CA HIS B 195 26.68 2.33 15.58
C HIS B 195 26.53 1.15 16.56
N ILE B 196 26.39 -0.08 16.02
CA ILE B 196 26.10 -1.30 16.77
C ILE B 196 27.01 -1.54 18.02
N ASP B 197 28.32 -1.20 18.01
CA ASP B 197 29.19 -1.41 19.18
C ASP B 197 28.73 -0.62 20.41
N GLN B 198 28.30 0.65 20.20
CA GLN B 198 27.80 1.52 21.25
C GLN B 198 26.40 1.08 21.68
N TYR B 199 25.51 0.74 20.71
CA TYR B 199 24.17 0.28 21.05
C TYR B 199 24.20 -0.92 22.02
N ILE B 200 25.08 -1.92 21.77
CA ILE B 200 25.22 -3.13 22.61
C ILE B 200 25.73 -2.82 24.03
N LYS B 201 26.91 -2.17 24.16
CA LYS B 201 27.54 -1.86 25.45
C LYS B 201 26.68 -0.91 26.33
N GLU B 202 25.91 -0.01 25.70
CA GLU B 202 25.06 0.92 26.43
C GLU B 202 23.77 0.26 26.94
N ARG B 203 23.47 -0.99 26.50
CA ARG B 203 22.28 -1.74 26.94
C ARG B 203 22.62 -3.05 27.65
N ASN B 204 23.91 -3.25 28.01
CA ASN B 204 24.45 -4.45 28.65
C ASN B 204 24.10 -5.75 27.88
N ILE B 205 23.89 -5.63 26.56
CA ILE B 205 23.54 -6.78 25.72
C ILE B 205 24.76 -7.71 25.66
N ASN B 206 24.53 -9.03 25.86
CA ASN B 206 25.56 -10.06 25.84
C ASN B 206 25.58 -10.72 24.46
N ILE B 207 25.81 -9.92 23.42
CA ILE B 207 25.86 -10.41 22.03
C ILE B 207 27.14 -9.89 21.37
N SER B 208 27.94 -10.80 20.78
CA SER B 208 29.18 -10.44 20.08
C SER B 208 28.97 -10.44 18.55
N ARG B 209 29.96 -9.90 17.80
CA ARG B 209 29.93 -9.90 16.33
C ARG B 209 29.90 -11.34 15.80
N GLU B 210 30.74 -12.26 16.36
CA GLU B 210 30.81 -13.67 15.97
C GLU B 210 29.47 -14.40 16.21
N GLN B 211 28.79 -14.07 17.34
CA GLN B 211 27.47 -14.64 17.66
C GLN B 211 26.43 -14.22 16.61
N ILE B 212 26.46 -12.96 16.14
CA ILE B 212 25.54 -12.49 15.11
C ILE B 212 25.81 -13.26 13.79
N GLU B 213 27.09 -13.36 13.38
CA GLU B 213 27.47 -14.00 12.12
C GLU B 213 27.14 -15.49 12.06
N LYS B 214 27.31 -16.23 13.17
CA LYS B 214 26.97 -17.65 13.28
C LYS B 214 25.44 -17.85 13.21
N TYR B 215 24.64 -16.97 13.86
CA TYR B 215 23.18 -17.05 13.86
C TYR B 215 22.63 -16.90 12.43
N VAL B 216 23.21 -15.97 11.63
CA VAL B 216 22.87 -15.77 10.21
C VAL B 216 23.08 -17.12 9.46
N LYS B 217 24.25 -17.75 9.68
CA LYS B 217 24.59 -19.01 8.99
C LYS B 217 23.65 -20.13 9.39
N ASP B 218 23.37 -20.22 10.69
CA ASP B 218 22.47 -21.21 11.27
C ASP B 218 21.04 -21.05 10.74
N VAL B 219 20.52 -19.80 10.70
CA VAL B 219 19.20 -19.50 10.14
C VAL B 219 19.14 -19.92 8.66
N ALA B 220 20.16 -19.59 7.85
CA ALA B 220 20.19 -19.93 6.42
C ALA B 220 20.17 -21.44 6.21
N ALA B 221 20.96 -22.15 7.01
CA ALA B 221 21.05 -23.62 7.00
C ALA B 221 19.70 -24.27 7.41
N SER B 222 18.93 -23.65 8.35
CA SER B 222 17.62 -24.22 8.73
C SER B 222 16.60 -24.10 7.58
N ILE B 223 16.66 -22.98 6.80
CA ILE B 223 15.80 -22.78 5.61
C ILE B 223 16.18 -23.84 4.53
N ILE B 224 17.50 -24.03 4.25
CA ILE B 224 17.99 -25.02 3.26
C ILE B 224 17.54 -26.42 3.62
N ALA B 225 17.70 -26.81 4.90
CA ALA B 225 17.32 -28.13 5.39
C ALA B 225 15.82 -28.44 5.25
N SER B 226 14.93 -27.45 5.50
CA SER B 226 13.49 -27.71 5.50
C SER B 226 12.75 -27.47 4.18
N GLN B 227 13.12 -26.45 3.42
CA GLN B 227 12.40 -26.22 2.16
C GLN B 227 13.29 -26.33 0.92
N GLY B 228 14.56 -26.69 1.10
CA GLY B 228 15.47 -26.92 -0.02
C GLY B 228 16.21 -25.72 -0.56
N ALA B 229 15.64 -24.49 -0.39
CA ALA B 229 16.22 -23.23 -0.86
C ALA B 229 15.49 -22.08 -0.24
N THR B 230 16.09 -20.86 -0.28
CA THR B 230 15.47 -19.61 0.16
C THR B 230 14.60 -19.20 -1.05
N ILE B 231 13.32 -18.92 -0.81
CA ILE B 231 12.32 -18.59 -1.83
C ILE B 231 11.72 -17.19 -1.66
N TRP B 232 11.26 -16.87 -0.43
CA TRP B 232 10.52 -15.67 -0.09
C TRP B 232 11.41 -14.42 -0.01
N GLY B 233 12.52 -14.52 0.72
CA GLY B 233 13.49 -13.45 0.84
C GLY B 233 14.03 -13.00 -0.50
N PRO B 234 14.57 -13.93 -1.35
CA PRO B 234 15.10 -13.50 -2.65
C PRO B 234 14.04 -12.89 -3.57
N ALA B 235 12.78 -13.40 -3.55
CA ALA B 235 11.74 -12.81 -4.41
C ALA B 235 11.49 -11.35 -4.01
N ALA B 236 11.46 -11.08 -2.68
CA ALA B 236 11.31 -9.71 -2.16
C ALA B 236 12.47 -8.83 -2.59
N THR B 237 13.73 -9.35 -2.53
CA THR B 237 14.89 -8.54 -2.95
C THR B 237 14.89 -8.17 -4.44
N PHE B 238 14.44 -9.08 -5.34
CA PHE B 238 14.43 -8.74 -6.77
C PHE B 238 13.47 -7.62 -7.04
N GLN B 239 12.26 -7.66 -6.43
CA GLN B 239 11.23 -6.62 -6.55
C GLN B 239 11.80 -5.26 -6.10
N GLU B 240 12.52 -5.26 -4.96
CA GLU B 240 13.16 -4.07 -4.38
C GLU B 240 14.21 -3.51 -5.33
N ILE B 241 15.04 -4.38 -5.94
CA ILE B 241 16.06 -3.97 -6.90
C ILE B 241 15.42 -3.40 -8.15
N VAL B 242 14.49 -4.17 -8.76
CA VAL B 242 13.81 -3.80 -10.01
C VAL B 242 13.05 -2.48 -9.88
N VAL B 243 12.18 -2.35 -8.85
CA VAL B 243 11.38 -1.15 -8.58
C VAL B 243 12.28 0.08 -8.31
N SER B 244 13.33 -0.05 -7.45
CA SER B 244 14.23 1.08 -7.19
C SER B 244 14.89 1.59 -8.49
N HIS B 245 15.23 0.68 -9.43
CA HIS B 245 15.79 1.04 -10.73
C HIS B 245 14.74 1.70 -11.62
N LEU B 246 13.59 1.03 -11.85
CA LEU B 246 12.55 1.52 -12.77
C LEU B 246 11.77 2.74 -12.27
N ALA B 247 11.69 2.94 -10.95
CA ALA B 247 10.97 4.08 -10.38
C ALA B 247 11.90 5.18 -9.87
N ASN B 248 13.22 5.05 -10.12
CA ASN B 248 14.25 6.04 -9.79
C ASN B 248 14.18 6.45 -8.31
N GLU B 249 14.14 5.44 -7.45
CA GLU B 249 14.01 5.58 -6.00
C GLU B 249 15.30 5.96 -5.30
N SER B 250 16.46 5.62 -5.89
CA SER B 250 17.79 5.92 -5.35
C SER B 250 17.97 5.38 -3.91
N LYS B 251 17.69 4.08 -3.78
CA LYS B 251 17.85 3.33 -2.55
C LYS B 251 19.24 2.73 -2.59
N ILE B 252 19.91 2.63 -1.45
CA ILE B 252 21.23 1.99 -1.33
C ILE B 252 21.00 0.49 -1.08
N ILE B 253 21.44 -0.33 -2.02
CA ILE B 253 21.33 -1.79 -1.91
C ILE B 253 22.64 -2.42 -2.41
N PRO B 254 23.30 -3.36 -1.68
CA PRO B 254 24.49 -4.01 -2.25
C PRO B 254 24.07 -4.98 -3.34
N ILE B 255 24.66 -4.85 -4.52
CA ILE B 255 24.40 -5.68 -5.70
C ILE B 255 25.72 -6.01 -6.34
N SER B 256 25.77 -7.09 -7.14
CA SER B 256 26.96 -7.43 -7.88
C SER B 256 26.98 -6.54 -9.13
N LEU B 257 27.97 -5.64 -9.22
CA LEU B 257 28.04 -4.68 -10.32
C LEU B 257 29.45 -4.62 -10.92
N PRO B 258 29.63 -4.85 -12.25
CA PRO B 258 30.99 -4.72 -12.84
C PRO B 258 31.49 -3.29 -12.64
N GLN B 259 32.66 -3.14 -12.04
CA GLN B 259 33.22 -1.82 -11.72
C GLN B 259 34.74 -1.89 -11.61
N ASN B 260 35.38 -0.72 -11.61
CA ASN B 260 36.82 -0.61 -11.49
C ASN B 260 37.26 -0.59 -10.03
N ILE B 261 37.86 -1.70 -9.57
CA ILE B 261 38.35 -1.87 -8.20
C ILE B 261 39.86 -1.58 -8.21
N GLU B 262 40.29 -0.63 -7.35
CA GLU B 262 41.69 -0.18 -7.19
C GLU B 262 42.65 -1.36 -7.02
N GLY B 263 43.60 -1.47 -7.94
CA GLY B 263 44.63 -2.50 -7.95
C GLY B 263 44.19 -3.89 -8.39
N VAL B 264 42.89 -4.07 -8.72
CA VAL B 264 42.35 -5.38 -9.13
C VAL B 264 41.82 -5.36 -10.57
N GLY B 265 41.15 -4.27 -10.95
CA GLY B 265 40.60 -4.08 -12.28
C GLY B 265 39.08 -4.10 -12.34
N ARG B 266 38.53 -4.50 -13.49
CA ARG B 266 37.10 -4.57 -13.72
C ARG B 266 36.52 -5.92 -13.32
N VAL B 267 35.84 -5.93 -12.17
CA VAL B 267 35.24 -7.12 -11.57
C VAL B 267 33.85 -6.77 -11.07
N ALA B 268 32.90 -7.72 -11.17
CA ALA B 268 31.57 -7.58 -10.58
C ALA B 268 31.71 -8.03 -9.15
N VAL B 269 31.47 -7.11 -8.21
CA VAL B 269 31.56 -7.35 -6.76
C VAL B 269 30.47 -6.52 -6.09
N SER B 270 30.04 -6.93 -4.87
CA SER B 270 28.98 -6.22 -4.18
C SER B 270 29.52 -5.15 -3.25
N VAL B 271 29.08 -3.90 -3.45
CA VAL B 271 29.37 -2.77 -2.55
C VAL B 271 28.04 -2.06 -2.35
N PRO B 272 27.82 -1.22 -1.30
CA PRO B 272 26.53 -0.50 -1.22
C PRO B 272 26.45 0.40 -2.47
N THR B 273 25.39 0.23 -3.29
CA THR B 273 25.20 0.90 -4.59
C THR B 273 23.88 1.68 -4.67
N ILE B 274 23.89 2.86 -5.34
CA ILE B 274 22.67 3.64 -5.51
C ILE B 274 21.86 2.96 -6.61
N ILE B 275 20.63 2.53 -6.31
CA ILE B 275 19.77 1.88 -7.31
C ILE B 275 18.80 2.90 -7.86
N SER B 276 18.98 3.30 -9.10
CA SER B 276 18.13 4.28 -9.75
C SER B 276 18.29 4.05 -11.24
N GLY B 277 17.85 5.01 -12.08
CA GLY B 277 18.00 4.95 -13.53
C GLY B 277 19.41 4.52 -13.91
N ARG B 278 20.40 5.17 -13.28
CA ARG B 278 21.83 4.84 -13.33
C ARG B 278 22.19 4.17 -12.00
N LEU B 279 23.25 3.34 -12.01
CA LEU B 279 23.73 2.63 -10.83
C LEU B 279 25.09 3.17 -10.40
N LYS B 280 25.24 3.52 -9.10
CA LYS B 280 26.49 4.11 -8.60
C LYS B 280 27.02 3.41 -7.36
N PRO B 281 28.17 2.72 -7.52
CA PRO B 281 28.76 2.00 -6.39
C PRO B 281 29.47 2.97 -5.45
N LEU B 282 29.19 2.85 -4.16
CA LEU B 282 29.77 3.72 -3.14
C LEU B 282 30.74 2.96 -2.24
N VAL B 283 31.98 2.77 -2.75
CA VAL B 283 33.06 2.10 -2.01
C VAL B 283 33.47 2.88 -0.75
N GLN B 284 33.28 4.23 -0.77
CA GLN B 284 33.63 5.14 0.32
C GLN B 284 32.83 4.94 1.58
N LEU B 285 31.67 4.24 1.49
CA LEU B 285 30.84 3.92 2.66
C LEU B 285 31.55 2.84 3.51
N LEU B 286 32.50 2.10 2.90
CA LEU B 286 33.33 1.10 3.57
C LEU B 286 34.59 1.78 4.09
N ASN B 287 35.09 1.37 5.27
CA ASN B 287 36.31 1.96 5.82
C ASN B 287 37.54 1.38 5.11
N GLU B 288 38.75 1.88 5.44
CA GLU B 288 40.01 1.47 4.78
C GLU B 288 40.26 -0.04 4.90
N GLU B 289 39.99 -0.63 6.08
CA GLU B 289 40.13 -2.05 6.35
C GLU B 289 39.14 -2.89 5.49
N GLU B 290 37.85 -2.50 5.49
CA GLU B 290 36.78 -3.17 4.73
C GLU B 290 37.04 -3.12 3.23
N GLN B 291 37.58 -1.98 2.72
CA GLN B 291 37.96 -1.78 1.32
C GLN B 291 39.10 -2.71 0.91
N GLU B 292 40.06 -2.96 1.83
CA GLU B 292 41.19 -3.86 1.58
C GLU B 292 40.67 -5.30 1.46
N ARG B 293 39.64 -5.67 2.25
CA ARG B 293 39.00 -6.98 2.19
C ARG B 293 38.18 -7.12 0.92
N LEU B 294 37.57 -6.00 0.45
CA LEU B 294 36.80 -5.99 -0.77
C LEU B 294 37.71 -6.33 -1.99
N LYS B 295 38.97 -5.83 -1.99
CA LYS B 295 39.97 -6.08 -3.03
C LYS B 295 40.35 -7.55 -3.13
N ARG B 296 40.45 -8.23 -1.99
CA ARG B 296 40.74 -9.67 -1.91
C ARG B 296 39.59 -10.46 -2.53
N ALA B 297 38.33 -10.04 -2.25
CA ALA B 297 37.11 -10.63 -2.80
C ALA B 297 37.10 -10.51 -4.33
N ALA B 298 37.43 -9.30 -4.87
CA ALA B 298 37.49 -9.02 -6.31
C ALA B 298 38.53 -9.91 -7.02
N LYS B 299 39.71 -10.12 -6.39
CA LYS B 299 40.80 -10.96 -6.92
C LYS B 299 40.33 -12.41 -6.97
N ALA B 300 39.57 -12.85 -5.94
CA ALA B 300 39.04 -14.21 -5.87
C ALA B 300 38.02 -14.43 -6.99
N ILE B 301 37.11 -13.45 -7.21
CA ILE B 301 36.08 -13.49 -8.25
C ILE B 301 36.70 -13.63 -9.64
N ARG B 302 37.71 -12.79 -9.95
CA ARG B 302 38.45 -12.78 -11.21
C ARG B 302 39.12 -14.15 -11.42
N ASN B 303 39.78 -14.69 -10.38
CA ASN B 303 40.45 -16.00 -10.42
C ASN B 303 39.52 -17.12 -10.93
N VAL B 304 38.25 -17.10 -10.48
CA VAL B 304 37.22 -18.07 -10.89
C VAL B 304 36.81 -17.76 -12.33
N TYR B 305 36.59 -16.49 -12.65
CA TYR B 305 36.19 -16.03 -13.98
C TYR B 305 37.24 -16.43 -15.06
N GLU B 306 38.53 -16.30 -14.74
CA GLU B 306 39.62 -16.62 -15.67
C GLU B 306 39.87 -18.12 -15.81
N SER B 307 39.22 -18.94 -14.98
CA SER B 307 39.31 -20.40 -15.03
C SER B 307 38.18 -21.03 -15.87
N ILE B 308 37.25 -20.20 -16.41
CA ILE B 308 36.15 -20.65 -17.27
C ILE B 308 36.70 -21.13 -18.62
N LEU B 309 36.50 -22.42 -18.92
CA LEU B 309 36.96 -23.09 -20.14
C LEU B 309 36.10 -22.69 -21.34
N ALA C 2 6.00 0.28 4.33
CA ALA C 2 6.61 -0.01 5.62
C ALA C 2 5.58 -0.05 6.78
N ARG C 3 6.02 -0.57 7.94
CA ARG C 3 5.23 -0.63 9.18
CA ARG C 3 5.23 -0.63 9.18
C ARG C 3 6.20 -0.39 10.34
N ILE C 4 6.21 0.84 10.84
CA ILE C 4 7.11 1.33 11.87
C ILE C 4 6.37 1.53 13.17
N PRO C 5 6.97 1.11 14.31
CA PRO C 5 6.28 1.29 15.62
C PRO C 5 6.53 2.67 16.27
N TYR C 6 7.40 3.51 15.68
CA TYR C 6 7.87 4.79 16.22
C TYR C 6 6.84 5.94 16.18
N LYS C 7 7.09 6.98 16.99
CA LYS C 7 6.22 8.14 17.13
C LYS C 7 6.81 9.38 16.47
N VAL C 8 5.95 10.11 15.72
CA VAL C 8 6.31 11.35 15.06
C VAL C 8 5.51 12.49 15.72
N ALA C 9 6.17 13.59 16.08
CA ALA C 9 5.53 14.78 16.63
C ALA C 9 5.39 15.84 15.53
N VAL C 10 4.25 16.55 15.53
CA VAL C 10 3.97 17.65 14.58
C VAL C 10 3.78 18.93 15.39
N ILE C 11 4.75 19.87 15.29
CA ILE C 11 4.71 21.17 15.99
C ILE C 11 4.09 22.16 15.03
N GLY C 12 2.91 22.66 15.40
CA GLY C 12 2.11 23.59 14.62
C GLY C 12 1.18 22.79 13.74
N THR C 13 -0.13 22.89 13.99
CA THR C 13 -1.10 22.10 13.22
C THR C 13 -2.00 22.99 12.35
N GLY C 14 -1.37 23.97 11.68
CA GLY C 14 -2.03 24.81 10.67
C GLY C 14 -2.34 23.93 9.47
N ARG C 15 -2.46 24.51 8.26
CA ARG C 15 -2.77 23.75 7.06
CA ARG C 15 -2.77 23.76 7.05
C ARG C 15 -1.72 22.69 6.73
N VAL C 16 -0.42 23.04 6.76
CA VAL C 16 0.68 22.10 6.48
C VAL C 16 0.77 20.97 7.55
N GLY C 17 0.77 21.36 8.82
CA GLY C 17 0.82 20.44 9.95
C GLY C 17 -0.28 19.42 9.95
N ALA C 18 -1.54 19.86 9.75
CA ALA C 18 -2.71 18.99 9.71
C ALA C 18 -2.67 18.06 8.49
N THR C 19 -2.16 18.58 7.34
CA THR C 19 -2.02 17.79 6.11
C THR C 19 -1.00 16.69 6.31
N PHE C 20 0.13 17.02 6.95
CA PHE C 20 1.14 16.02 7.24
C PHE C 20 0.59 14.94 8.20
N ALA C 21 -0.21 15.37 9.23
CA ALA C 21 -0.81 14.43 10.17
C ALA C 21 -1.86 13.58 9.47
N TYR C 22 -2.54 14.11 8.45
CA TYR C 22 -3.54 13.34 7.71
C TYR C 22 -2.88 12.28 6.84
N THR C 23 -1.72 12.62 6.20
CA THR C 23 -0.92 11.73 5.36
C THR C 23 -0.45 10.52 6.17
N MET C 24 0.19 10.77 7.33
CA MET C 24 0.61 9.71 8.28
C MET C 24 -0.56 8.80 8.65
N ALA C 25 -1.76 9.37 8.87
CA ALA C 25 -2.98 8.66 9.26
C ALA C 25 -3.56 7.72 8.17
N VAL C 26 -3.49 8.13 6.91
CA VAL C 26 -4.17 7.39 5.85
C VAL C 26 -3.24 6.50 4.99
N VAL C 27 -1.90 6.73 5.01
CA VAL C 27 -0.98 5.89 4.23
C VAL C 27 -0.19 4.95 5.18
N PRO C 28 0.25 3.74 4.71
CA PRO C 28 1.03 2.86 5.59
C PRO C 28 2.35 3.47 6.05
N GLY C 29 2.82 3.04 7.23
CA GLY C 29 4.07 3.48 7.82
C GLY C 29 4.00 3.80 9.30
N ILE C 30 3.43 4.97 9.63
CA ILE C 30 3.34 5.48 10.99
C ILE C 30 1.93 5.28 11.54
N ALA C 31 1.83 5.02 12.87
CA ALA C 31 0.55 4.83 13.54
C ALA C 31 0.50 5.49 14.92
N ARG C 32 1.56 6.25 15.29
CA ARG C 32 1.66 6.93 16.59
C ARG C 32 2.07 8.37 16.35
N MET C 33 1.26 9.35 16.83
CA MET C 33 1.64 10.76 16.61
C MET C 33 1.16 11.70 17.70
N THR C 34 1.97 12.74 17.96
CA THR C 34 1.72 13.82 18.91
C THR C 34 1.49 15.09 18.08
N LEU C 35 0.33 15.73 18.25
CA LEU C 35 0.04 16.97 17.51
C LEU C 35 0.06 18.13 18.47
N VAL C 36 0.89 19.13 18.18
CA VAL C 36 1.04 20.27 19.08
C VAL C 36 0.65 21.56 18.39
N ASP C 37 -0.14 22.40 19.09
CA ASP C 37 -0.54 23.73 18.62
C ASP C 37 -0.91 24.62 19.81
N VAL C 38 -0.32 25.83 19.86
CA VAL C 38 -0.52 26.85 20.90
C VAL C 38 -1.99 27.36 20.94
N VAL C 39 -2.70 27.37 19.79
CA VAL C 39 -4.10 27.79 19.68
C VAL C 39 -4.99 26.76 20.44
N PRO C 40 -5.69 27.16 21.53
CA PRO C 40 -6.48 26.19 22.30
C PRO C 40 -7.55 25.48 21.50
N GLY C 41 -7.62 24.16 21.71
CA GLY C 41 -8.56 23.28 21.02
C GLY C 41 -8.22 22.96 19.57
N LEU C 42 -7.19 23.63 18.99
CA LEU C 42 -6.83 23.44 17.58
C LEU C 42 -6.26 22.07 17.27
N ALA C 43 -5.23 21.61 18.02
CA ALA C 43 -4.62 20.29 17.79
C ALA C 43 -5.62 19.17 18.06
N LYS C 44 -6.52 19.35 19.05
CA LYS C 44 -7.56 18.37 19.42
C LYS C 44 -8.56 18.15 18.28
N GLY C 45 -9.05 19.24 17.69
CA GLY C 45 -10.00 19.22 16.58
C GLY C 45 -9.46 18.50 15.36
N VAL C 46 -8.16 18.75 15.05
CA VAL C 46 -7.41 18.13 13.95
C VAL C 46 -7.31 16.63 14.21
N MET C 47 -6.90 16.25 15.44
CA MET C 47 -6.78 14.88 15.88
C MET C 47 -8.11 14.16 15.69
N GLU C 48 -9.23 14.77 16.18
CA GLU C 48 -10.56 14.14 16.12
C GLU C 48 -10.97 13.85 14.67
N ASP C 49 -10.75 14.82 13.77
CA ASP C 49 -11.09 14.71 12.35
C ASP C 49 -10.18 13.67 11.66
N ILE C 50 -8.89 13.66 12.02
CA ILE C 50 -7.93 12.71 11.45
C ILE C 50 -8.27 11.23 11.88
N LYS C 51 -8.75 11.05 13.12
CA LYS C 51 -9.21 9.77 13.68
C LYS C 51 -10.40 9.23 12.88
N HIS C 52 -11.28 10.14 12.42
CA HIS C 52 -12.43 9.78 11.59
C HIS C 52 -11.92 9.23 10.23
N ALA C 53 -10.87 9.84 9.65
CA ALA C 53 -10.24 9.39 8.40
C ALA C 53 -9.59 8.01 8.60
N ALA C 54 -8.89 7.79 9.73
CA ALA C 54 -8.31 6.49 10.13
C ALA C 54 -9.40 5.38 10.16
N ALA C 55 -10.61 5.71 10.70
CA ALA C 55 -11.76 4.76 10.74
C ALA C 55 -12.14 4.36 9.32
N VAL C 56 -12.15 5.33 8.37
CA VAL C 56 -12.46 5.02 6.97
C VAL C 56 -11.43 4.03 6.40
N PHE C 57 -10.13 4.29 6.61
CA PHE C 57 -9.06 3.43 6.04
C PHE C 57 -8.76 2.18 6.86
N ARG C 58 -9.48 1.98 7.98
CA ARG C 58 -9.26 0.82 8.87
C ARG C 58 -7.83 0.80 9.42
N ARG C 59 -7.27 1.97 9.76
CA ARG C 59 -5.93 2.05 10.32
C ARG C 59 -5.99 2.40 11.80
N SER C 60 -5.56 1.46 12.61
CA SER C 60 -5.57 1.58 14.05
C SER C 60 -4.37 2.43 14.42
N ILE C 61 -4.64 3.70 14.76
CA ILE C 61 -3.62 4.69 15.11
C ILE C 61 -3.81 5.22 16.52
N THR C 62 -2.75 5.79 17.11
CA THR C 62 -2.81 6.40 18.43
C THR C 62 -2.33 7.84 18.30
N VAL C 63 -3.21 8.78 18.59
CA VAL C 63 -2.88 10.19 18.48
C VAL C 63 -3.16 10.87 19.80
N GLU C 64 -2.28 11.84 20.15
CA GLU C 64 -2.40 12.67 21.35
CA GLU C 64 -2.39 12.67 21.36
C GLU C 64 -2.27 14.12 20.92
N ALA C 65 -3.12 15.01 21.48
CA ALA C 65 -3.08 16.44 21.13
C ALA C 65 -2.71 17.27 22.32
N PHE C 66 -1.85 18.27 22.09
CA PHE C 66 -1.37 19.15 23.14
C PHE C 66 -1.32 20.56 22.70
N GLU C 67 -1.40 21.48 23.67
CA GLU C 67 -1.31 22.90 23.44
C GLU C 67 0.11 23.39 23.77
N ASP C 68 0.82 22.63 24.61
CA ASP C 68 2.18 22.92 25.05
C ASP C 68 3.22 22.01 24.40
N VAL C 69 4.37 22.58 23.99
CA VAL C 69 5.48 21.86 23.36
C VAL C 69 6.23 20.95 24.37
N SER C 70 6.34 21.36 25.65
CA SER C 70 7.00 20.56 26.71
C SER C 70 6.31 19.20 26.94
N LYS C 71 5.07 19.04 26.43
CA LYS C 71 4.27 17.81 26.55
C LYS C 71 4.74 16.72 25.57
N VAL C 72 5.53 17.07 24.54
CA VAL C 72 6.06 16.13 23.56
C VAL C 72 7.12 15.27 24.24
N GLU C 73 6.92 13.95 24.28
CA GLU C 73 7.90 13.08 24.94
C GLU C 73 8.20 11.88 24.10
N ASN C 74 9.48 11.43 24.09
CA ASN C 74 9.96 10.25 23.36
C ASN C 74 9.51 10.22 21.90
N ALA C 75 9.65 11.36 21.22
CA ALA C 75 9.32 11.43 19.80
C ALA C 75 10.55 10.93 19.05
N ASP C 76 10.34 10.15 18.01
CA ASP C 76 11.46 9.65 17.19
C ASP C 76 11.73 10.64 16.02
N ALA C 77 10.69 11.38 15.56
CA ALA C 77 10.81 12.45 14.57
C ALA C 77 9.93 13.62 15.01
N ILE C 78 10.44 14.84 14.88
CA ILE C 78 9.75 16.08 15.26
C ILE C 78 9.78 17.01 14.04
N VAL C 79 8.60 17.32 13.48
CA VAL C 79 8.48 18.21 12.33
C VAL C 79 7.95 19.57 12.81
N ILE C 80 8.83 20.59 12.77
CA ILE C 80 8.53 21.96 13.20
C ILE C 80 8.04 22.72 11.99
N THR C 81 6.72 22.85 11.83
CA THR C 81 6.14 23.55 10.67
C THR C 81 6.30 25.06 10.79
N ALA C 82 6.26 25.77 9.64
CA ALA C 82 6.40 27.22 9.57
C ALA C 82 5.18 27.94 10.16
N GLY C 83 5.44 28.98 10.96
CA GLY C 83 4.40 29.82 11.53
C GLY C 83 3.83 30.78 10.51
N LYS C 84 3.01 31.74 10.98
CA LYS C 84 2.41 32.77 10.13
C LYS C 84 3.55 33.64 9.54
N PRO C 85 3.55 33.97 8.22
CA PRO C 85 4.64 34.79 7.66
C PRO C 85 4.87 36.14 8.37
N ARG C 86 3.78 36.72 8.94
CA ARG C 86 3.74 37.96 9.74
C ARG C 86 4.58 39.11 9.18
N MET C 90 10.00 42.21 8.09
CA MET C 90 9.93 42.18 6.64
C MET C 90 11.30 41.95 5.98
N SER C 91 12.34 42.71 6.43
CA SER C 91 13.70 42.60 5.90
C SER C 91 14.37 41.25 6.24
N ARG C 92 15.27 40.79 5.35
CA ARG C 92 15.98 39.50 5.39
C ARG C 92 16.76 39.20 6.69
N ARG C 93 17.70 40.08 7.09
CA ARG C 93 18.53 39.91 8.29
C ARG C 93 17.68 39.88 9.56
N ASP C 94 16.66 40.76 9.62
CA ASP C 94 15.74 40.89 10.74
C ASP C 94 14.84 39.66 10.89
N LEU C 95 14.36 39.10 9.75
CA LEU C 95 13.55 37.89 9.71
C LEU C 95 14.33 36.70 10.28
N ALA C 96 15.62 36.58 9.88
CA ALA C 96 16.52 35.54 10.36
C ALA C 96 16.78 35.70 11.87
N ASN C 97 16.94 36.95 12.36
CA ASN C 97 17.17 37.22 13.79
C ASN C 97 15.93 36.94 14.65
N VAL C 98 14.73 37.31 14.15
CA VAL C 98 13.46 37.13 14.87
C VAL C 98 13.06 35.63 14.89
N ASN C 99 13.23 34.93 13.75
CA ASN C 99 12.91 33.51 13.61
C ASN C 99 13.85 32.60 14.40
N ALA C 100 15.14 33.00 14.54
CA ALA C 100 16.14 32.21 15.28
C ALA C 100 15.78 32.08 16.76
N GLN C 101 15.16 33.14 17.32
CA GLN C 101 14.71 33.21 18.70
C GLN C 101 13.52 32.26 18.89
N ILE C 102 12.65 32.18 17.86
CA ILE C 102 11.49 31.28 17.83
C ILE C 102 11.97 29.83 17.84
N ILE C 103 12.90 29.47 16.91
CA ILE C 103 13.49 28.13 16.79
C ILE C 103 14.30 27.75 18.05
N ARG C 104 15.06 28.70 18.65
CA ARG C 104 15.85 28.43 19.86
C ARG C 104 14.94 28.05 21.03
N ASP C 105 13.83 28.82 21.22
CA ASP C 105 12.84 28.59 22.27
C ASP C 105 12.15 27.22 22.14
N ILE C 106 11.78 26.82 20.90
CA ILE C 106 11.17 25.51 20.61
C ILE C 106 12.17 24.37 20.89
N GLY C 107 13.43 24.59 20.50
CA GLY C 107 14.52 23.64 20.70
C GLY C 107 14.82 23.39 22.16
N ASP C 108 14.89 24.47 22.96
CA ASP C 108 15.14 24.42 24.40
C ASP C 108 14.06 23.62 25.14
N LYS C 109 12.79 23.77 24.71
CA LYS C 109 11.61 23.11 25.29
C LYS C 109 11.44 21.62 24.90
N LEU C 110 12.11 21.16 23.83
CA LEU C 110 12.03 19.79 23.31
C LEU C 110 13.22 18.90 23.64
N ARG C 111 14.42 19.49 23.66
CA ARG C 111 15.74 18.84 23.81
C ARG C 111 15.80 17.68 24.81
N ASP C 112 15.50 17.92 26.08
CA ASP C 112 15.65 16.93 27.15
C ASP C 112 14.65 15.75 27.16
N ARG C 113 13.40 15.92 26.66
CA ARG C 113 12.39 14.84 26.71
C ARG C 113 12.34 13.99 25.42
N ASN C 114 13.08 14.40 24.38
CA ASN C 114 13.07 13.71 23.11
C ASN C 114 14.50 13.26 22.68
N PRO C 115 15.18 12.38 23.47
CA PRO C 115 16.55 11.98 23.08
C PRO C 115 16.63 11.19 21.77
N GLY C 116 17.63 11.51 20.95
CA GLY C 116 17.90 10.85 19.66
C GLY C 116 16.91 11.14 18.55
N ALA C 117 15.98 12.09 18.77
CA ALA C 117 14.95 12.46 17.81
C ALA C 117 15.52 13.17 16.60
N LEU C 118 14.85 13.00 15.47
CA LEU C 118 15.19 13.72 14.26
C LEU C 118 14.33 15.00 14.29
N TYR C 119 14.97 16.19 14.22
CA TYR C 119 14.24 17.46 14.17
C TYR C 119 14.25 17.89 12.69
N VAL C 120 13.05 18.15 12.12
CA VAL C 120 12.86 18.60 10.73
C VAL C 120 12.42 20.07 10.78
N VAL C 121 13.28 20.99 10.27
CA VAL C 121 13.06 22.44 10.22
C VAL C 121 12.54 22.87 8.84
N VAL C 122 11.49 23.70 8.83
CA VAL C 122 10.85 24.25 7.62
C VAL C 122 11.06 25.77 7.59
N THR C 123 10.99 26.43 8.76
CA THR C 123 11.08 27.90 8.94
C THR C 123 12.25 28.56 8.18
N ASN C 124 11.91 29.58 7.35
CA ASN C 124 12.87 30.33 6.54
C ASN C 124 13.70 31.36 7.32
N PRO C 125 15.01 31.55 7.01
CA PRO C 125 15.82 30.84 5.99
C PRO C 125 16.22 29.46 6.51
N VAL C 126 15.64 28.40 5.89
CA VAL C 126 15.75 26.99 6.29
C VAL C 126 17.20 26.56 6.62
N ASP C 127 18.19 26.89 5.75
CA ASP C 127 19.58 26.48 6.00
C ASP C 127 20.18 27.04 7.29
N VAL C 128 19.99 28.35 7.53
CA VAL C 128 20.45 29.06 8.73
C VAL C 128 19.66 28.57 9.98
N MET C 129 18.32 28.39 9.84
CA MET C 129 17.48 27.88 10.95
C MET C 129 17.84 26.44 11.37
N THR C 130 18.38 25.64 10.43
CA THR C 130 18.85 24.28 10.71
C THR C 130 20.13 24.37 11.54
N MET C 131 20.99 25.38 11.23
CA MET C 131 22.24 25.59 11.98
C MET C 131 21.96 26.08 13.40
N VAL C 132 21.00 27.03 13.55
CA VAL C 132 20.58 27.62 14.82
C VAL C 132 20.06 26.51 15.76
N LEU C 133 19.16 25.62 15.27
CA LEU C 133 18.63 24.49 16.06
C LEU C 133 19.69 23.45 16.38
N ASP C 134 20.60 23.20 15.43
CA ASP C 134 21.72 22.25 15.60
C ASP C 134 22.60 22.63 16.80
N ASP C 135 22.77 23.94 17.05
CA ASP C 135 23.54 24.53 18.16
C ASP C 135 22.85 24.25 19.46
N VAL C 136 21.49 24.27 19.46
CA VAL C 136 20.64 24.03 20.62
C VAL C 136 20.58 22.54 20.96
N ILE C 137 20.19 21.69 19.99
CA ILE C 137 20.03 20.26 20.23
C ILE C 137 21.37 19.57 20.48
N GLY C 138 22.31 19.74 19.57
CA GLY C 138 23.65 19.16 19.66
C GLY C 138 23.66 17.66 19.52
N SER C 139 24.41 16.98 20.42
CA SER C 139 24.52 15.51 20.41
C SER C 139 23.22 14.77 20.86
N LYS C 140 22.24 15.52 21.44
CA LYS C 140 20.96 15.00 21.96
C LYS C 140 19.92 14.58 20.88
N GLY C 141 20.29 14.71 19.60
CA GLY C 141 19.41 14.36 18.50
C GLY C 141 20.02 14.72 17.16
N THR C 142 19.26 14.57 16.07
CA THR C 142 19.78 14.89 14.74
C THR C 142 18.90 15.99 14.11
N VAL C 143 19.54 17.14 13.80
CA VAL C 143 18.83 18.30 13.25
C VAL C 143 19.00 18.42 11.76
N ILE C 144 17.88 18.39 11.01
CA ILE C 144 17.88 18.60 9.55
C ILE C 144 16.86 19.68 9.16
N GLY C 145 17.05 20.24 7.97
CA GLY C 145 16.16 21.20 7.33
C GLY C 145 15.62 20.60 6.06
N THR C 146 14.47 21.09 5.58
CA THR C 146 13.87 20.56 4.34
C THR C 146 14.72 20.88 3.12
N GLY C 147 15.43 22.00 3.18
CA GLY C 147 16.32 22.45 2.12
C GLY C 147 15.65 22.45 0.76
N THR C 148 16.24 21.72 -0.19
CA THR C 148 15.78 21.64 -1.59
C THR C 148 15.14 20.28 -1.92
N SER C 149 14.54 19.62 -0.90
CA SER C 149 13.84 18.34 -1.07
C SER C 149 12.62 18.53 -1.96
N LEU C 150 11.71 19.45 -1.58
CA LEU C 150 10.56 19.75 -2.41
C LEU C 150 10.97 20.35 -3.74
N ASP C 151 11.97 21.30 -3.76
CA ASP C 151 12.45 21.91 -5.03
C ASP C 151 12.86 20.83 -6.03
N THR C 152 13.53 19.75 -5.56
CA THR C 152 13.92 18.59 -6.37
C THR C 152 12.67 17.92 -6.99
N PHE C 153 11.63 17.62 -6.17
CA PHE C 153 10.41 16.97 -6.65
C PHE C 153 9.59 17.87 -7.59
N ARG C 154 9.61 19.19 -7.37
CA ARG C 154 8.94 20.15 -8.26
C ARG C 154 9.65 20.21 -9.60
N PHE C 155 11.00 20.18 -9.58
CA PHE C 155 11.82 20.19 -10.79
C PHE C 155 11.54 18.93 -11.61
N ARG C 156 11.48 17.76 -10.93
CA ARG C 156 11.24 16.45 -11.55
C ARG C 156 9.89 16.40 -12.23
N ALA C 157 8.85 16.96 -11.56
CA ALA C 157 7.48 17.05 -12.06
C ALA C 157 7.41 17.90 -13.34
N ALA C 158 8.19 19.02 -13.39
CA ALA C 158 8.23 19.89 -14.57
C ALA C 158 8.90 19.19 -15.74
N VAL C 159 9.97 18.41 -15.46
CA VAL C 159 10.67 17.64 -16.49
C VAL C 159 9.68 16.62 -17.06
N SER C 160 8.91 15.95 -16.17
CA SER C 160 7.89 14.97 -16.53
C SER C 160 6.80 15.60 -17.44
N GLU C 161 6.26 16.76 -17.06
CA GLU C 161 5.21 17.47 -17.77
C GLU C 161 5.67 18.02 -19.13
N LEU C 162 6.87 18.65 -19.18
CA LEU C 162 7.41 19.24 -20.40
C LEU C 162 7.92 18.20 -21.43
N LEU C 163 8.66 17.18 -20.98
CA LEU C 163 9.18 16.15 -21.89
C LEU C 163 8.18 15.04 -22.19
N ASN C 164 6.99 15.08 -21.57
CA ASN C 164 5.93 14.06 -21.66
C ASN C 164 6.48 12.65 -21.39
N VAL C 165 7.09 12.48 -20.21
CA VAL C 165 7.66 11.19 -19.76
C VAL C 165 7.01 10.78 -18.43
N PRO C 166 6.91 9.48 -18.05
CA PRO C 166 6.32 9.15 -16.73
C PRO C 166 7.16 9.72 -15.60
N ILE C 167 6.52 10.22 -14.54
CA ILE C 167 7.22 10.79 -13.38
C ILE C 167 8.33 9.85 -12.82
N VAL C 168 8.07 8.54 -12.84
CA VAL C 168 8.98 7.49 -12.36
C VAL C 168 10.29 7.41 -13.18
N ALA C 169 10.29 7.96 -14.42
CA ALA C 169 11.44 7.93 -15.31
C ALA C 169 12.48 9.02 -15.02
N VAL C 170 12.14 10.03 -14.20
CA VAL C 170 12.99 11.20 -13.94
C VAL C 170 13.84 11.11 -12.66
N ASP C 171 15.17 11.27 -12.81
CA ASP C 171 16.09 11.37 -11.69
C ASP C 171 16.79 12.74 -11.80
N GLY C 172 17.33 13.25 -10.70
CA GLY C 172 18.01 14.54 -10.71
C GLY C 172 17.77 15.33 -9.44
N TYR C 173 18.72 16.24 -9.11
CA TYR C 173 18.68 17.02 -7.89
C TYR C 173 18.82 18.53 -8.04
N VAL C 174 18.05 19.25 -7.22
CA VAL C 174 18.14 20.71 -7.03
C VAL C 174 18.93 20.75 -5.70
N VAL C 175 20.03 21.50 -5.69
CA VAL C 175 20.98 21.61 -4.57
C VAL C 175 21.25 23.06 -4.15
N GLY C 176 22.11 23.21 -3.15
CA GLY C 176 22.57 24.50 -2.65
C GLY C 176 21.79 25.12 -1.51
N GLU C 177 21.45 26.41 -1.66
CA GLU C 177 20.70 27.19 -0.67
C GLU C 177 19.25 27.27 -1.14
N HIS C 178 18.30 26.79 -0.32
CA HIS C 178 16.87 26.83 -0.67
C HIS C 178 16.38 28.27 -0.92
N GLY C 179 15.61 28.45 -2.00
CA GLY C 179 15.05 29.72 -2.41
C GLY C 179 15.47 30.10 -3.83
N GLU C 180 15.62 31.41 -4.09
CA GLU C 180 16.01 31.99 -5.39
C GLU C 180 17.33 31.44 -5.91
N GLU C 181 18.27 31.18 -5.00
CA GLU C 181 19.62 30.69 -5.33
C GLU C 181 19.70 29.15 -5.54
N ALA C 182 18.62 28.38 -5.25
CA ALA C 182 18.61 26.91 -5.43
C ALA C 182 18.90 26.56 -6.90
N PHE C 183 19.96 25.75 -7.14
CA PHE C 183 20.35 25.46 -8.51
C PHE C 183 20.23 23.99 -8.88
N VAL C 184 19.93 23.74 -10.16
CA VAL C 184 19.78 22.38 -10.68
C VAL C 184 21.16 21.77 -10.91
N ALA C 185 21.37 20.53 -10.45
CA ALA C 185 22.60 19.78 -10.66
C ALA C 185 22.35 19.05 -11.99
N TRP C 186 22.55 19.78 -13.11
CA TRP C 186 22.24 19.26 -14.43
C TRP C 186 22.92 17.94 -14.78
N SER C 187 24.13 17.68 -14.26
CA SER C 187 24.87 16.42 -14.43
C SER C 187 24.16 15.18 -13.84
N THR C 188 23.22 15.39 -12.89
CA THR C 188 22.47 14.31 -12.21
C THR C 188 21.10 14.05 -12.86
N VAL C 189 20.69 14.92 -13.79
CA VAL C 189 19.38 14.84 -14.46
C VAL C 189 19.35 13.79 -15.57
N THR C 190 18.58 12.70 -15.33
CA THR C 190 18.45 11.58 -16.28
C THR C 190 16.96 11.21 -16.53
N ILE C 191 16.69 10.57 -17.68
CA ILE C 191 15.38 10.07 -18.10
C ILE C 191 15.62 8.60 -18.41
N LYS C 192 15.10 7.68 -17.55
CA LYS C 192 15.32 6.23 -17.69
C LYS C 192 16.83 5.91 -17.85
N GLY C 193 17.64 6.56 -17.02
CA GLY C 193 19.09 6.42 -16.99
C GLY C 193 19.88 7.23 -17.99
N ILE C 194 19.22 7.84 -18.99
CA ILE C 194 19.89 8.64 -20.04
C ILE C 194 19.89 10.13 -19.67
N HIS C 195 21.09 10.77 -19.70
CA HIS C 195 21.26 12.20 -19.41
C HIS C 195 20.27 13.04 -20.22
N ILE C 196 19.66 14.04 -19.55
CA ILE C 196 18.63 14.91 -20.14
C ILE C 196 19.10 15.54 -21.46
N ASP C 197 20.36 16.04 -21.52
CA ASP C 197 20.90 16.67 -22.75
C ASP C 197 20.83 15.74 -23.96
N GLN C 198 21.38 14.51 -23.82
CA GLN C 198 21.36 13.46 -24.85
C GLN C 198 19.91 13.02 -25.17
N TYR C 199 19.02 12.99 -24.15
CA TYR C 199 17.60 12.61 -24.32
C TYR C 199 16.88 13.59 -25.23
N ILE C 200 16.99 14.89 -24.92
CA ILE C 200 16.38 15.97 -25.65
C ILE C 200 16.98 16.05 -27.07
N LYS C 201 18.30 15.88 -27.20
CA LYS C 201 19.04 15.93 -28.46
C LYS C 201 18.63 14.84 -29.45
N GLU C 202 18.55 13.58 -29.00
CA GLU C 202 18.21 12.43 -29.83
C GLU C 202 16.74 12.42 -30.32
N ARG C 203 15.83 13.11 -29.59
CA ARG C 203 14.41 13.17 -29.95
C ARG C 203 13.98 14.52 -30.54
N ASN C 204 14.94 15.46 -30.74
CA ASN C 204 14.73 16.81 -31.30
C ASN C 204 13.62 17.59 -30.59
N ILE C 205 13.55 17.45 -29.25
CA ILE C 205 12.55 18.11 -28.41
C ILE C 205 12.89 19.60 -28.30
N ASN C 206 11.90 20.48 -28.58
CA ASN C 206 12.10 21.91 -28.49
C ASN C 206 11.95 22.41 -27.05
N ILE C 207 12.86 21.95 -26.17
CA ILE C 207 12.91 22.28 -24.74
C ILE C 207 14.39 22.49 -24.29
N SER C 208 14.67 23.65 -23.68
CA SER C 208 15.99 23.99 -23.16
C SER C 208 15.97 23.96 -21.63
N ARG C 209 17.16 24.06 -21.01
CA ARG C 209 17.37 24.07 -19.55
C ARG C 209 16.69 25.30 -18.94
N GLU C 210 16.78 26.45 -19.65
CA GLU C 210 16.23 27.74 -19.26
C GLU C 210 14.69 27.68 -19.19
N GLN C 211 14.04 27.06 -20.21
CA GLN C 211 12.58 26.87 -20.30
C GLN C 211 12.08 26.03 -19.12
N ILE C 212 12.82 24.95 -18.78
CA ILE C 212 12.47 24.06 -17.67
C ILE C 212 12.48 24.86 -16.37
N GLU C 213 13.60 25.55 -16.08
CA GLU C 213 13.78 26.33 -14.84
C GLU C 213 12.72 27.42 -14.69
N LYS C 214 12.38 28.12 -15.80
CA LYS C 214 11.36 29.16 -15.86
C LYS C 214 9.97 28.58 -15.51
N TYR C 215 9.65 27.40 -16.09
CA TYR C 215 8.38 26.69 -15.85
C TYR C 215 8.18 26.35 -14.38
N VAL C 216 9.23 25.86 -13.70
CA VAL C 216 9.24 25.49 -12.27
C VAL C 216 8.84 26.73 -11.43
N LYS C 217 9.43 27.90 -11.76
CA LYS C 217 9.20 29.18 -11.10
C LYS C 217 7.78 29.65 -11.30
N ASP C 218 7.26 29.58 -12.57
CA ASP C 218 5.90 29.98 -12.94
C ASP C 218 4.86 29.15 -12.22
N VAL C 219 5.04 27.81 -12.20
CA VAL C 219 4.19 26.88 -11.49
C VAL C 219 4.13 27.23 -9.98
N ALA C 220 5.29 27.50 -9.34
CA ALA C 220 5.30 27.85 -7.92
C ALA C 220 4.64 29.21 -7.63
N ALA C 221 4.66 30.14 -8.61
CA ALA C 221 4.00 31.44 -8.48
C ALA C 221 2.47 31.24 -8.50
N SER C 222 1.97 30.33 -9.37
CA SER C 222 0.55 30.01 -9.49
C SER C 222 -0.05 29.30 -8.24
N ILE C 223 0.80 28.56 -7.46
CA ILE C 223 0.33 27.93 -6.22
C ILE C 223 0.12 29.03 -5.16
N ILE C 224 1.14 29.89 -4.96
CA ILE C 224 1.13 31.04 -4.04
C ILE C 224 -0.06 31.97 -4.35
N ALA C 225 -0.24 32.33 -5.64
CA ALA C 225 -1.31 33.23 -6.11
C ALA C 225 -2.73 32.75 -5.83
N SER C 226 -2.96 31.42 -5.81
CA SER C 226 -4.28 30.83 -5.59
C SER C 226 -4.50 30.28 -4.17
N GLN C 227 -3.61 29.40 -3.68
CA GLN C 227 -3.74 28.80 -2.35
C GLN C 227 -3.13 29.67 -1.23
N GLY C 228 -2.25 30.59 -1.61
CA GLY C 228 -1.54 31.46 -0.68
C GLY C 228 -0.28 30.81 -0.14
N ALA C 229 -0.26 29.46 -0.11
CA ALA C 229 0.86 28.67 0.40
C ALA C 229 0.91 27.29 -0.24
N THR C 230 2.09 26.66 -0.26
CA THR C 230 2.25 25.29 -0.75
C THR C 230 1.82 24.41 0.43
N ILE C 231 0.95 23.41 0.18
CA ILE C 231 0.41 22.55 1.25
C ILE C 231 0.74 21.08 1.01
N TRP C 232 0.20 20.51 -0.10
CA TRP C 232 0.28 19.10 -0.48
C TRP C 232 1.71 18.60 -0.78
N GLY C 233 2.49 19.36 -1.56
CA GLY C 233 3.89 19.02 -1.84
C GLY C 233 4.72 18.91 -0.56
N PRO C 234 4.76 19.97 0.30
CA PRO C 234 5.53 19.87 1.57
C PRO C 234 5.13 18.72 2.50
N ALA C 235 3.82 18.43 2.60
CA ALA C 235 3.30 17.39 3.49
C ALA C 235 3.73 16.04 2.99
N ALA C 236 3.72 15.84 1.64
CA ALA C 236 4.18 14.58 1.05
C ALA C 236 5.69 14.37 1.30
N THR C 237 6.52 15.47 1.24
CA THR C 237 7.97 15.42 1.46
C THR C 237 8.32 15.07 2.91
N PHE C 238 7.57 15.61 3.88
CA PHE C 238 7.82 15.27 5.28
C PHE C 238 7.63 13.78 5.47
N GLN C 239 6.55 13.19 4.89
CA GLN C 239 6.27 11.75 4.99
C GLN C 239 7.44 10.97 4.43
N GLU C 240 7.95 11.37 3.25
CA GLU C 240 9.06 10.70 2.55
C GLU C 240 10.35 10.67 3.36
N ILE C 241 10.75 11.82 3.91
CA ILE C 241 11.98 11.99 4.68
C ILE C 241 11.91 11.25 6.01
N VAL C 242 10.82 11.46 6.76
CA VAL C 242 10.61 10.85 8.06
C VAL C 242 10.57 9.31 7.94
N VAL C 243 9.80 8.78 6.98
CA VAL C 243 9.71 7.33 6.78
C VAL C 243 11.07 6.76 6.35
N SER C 244 11.78 7.42 5.39
CA SER C 244 13.11 6.96 4.98
C SER C 244 14.09 6.90 6.16
N HIS C 245 14.04 7.90 7.07
CA HIS C 245 14.86 7.90 8.28
C HIS C 245 14.45 6.82 9.30
N LEU C 246 13.14 6.76 9.67
CA LEU C 246 12.63 5.86 10.69
C LEU C 246 12.59 4.37 10.27
N ALA C 247 12.58 4.08 8.97
CA ALA C 247 12.56 2.73 8.42
C ALA C 247 13.92 2.37 7.79
N ASN C 248 14.96 3.22 7.99
CA ASN C 248 16.31 3.02 7.43
C ASN C 248 16.27 2.63 5.92
N GLU C 249 15.48 3.36 5.13
CA GLU C 249 15.28 3.06 3.70
C GLU C 249 16.47 3.36 2.80
N SER C 250 17.34 4.29 3.25
CA SER C 250 18.52 4.75 2.51
C SER C 250 18.17 5.36 1.13
N LYS C 251 17.08 6.15 1.09
CA LYS C 251 16.70 6.87 -0.13
C LYS C 251 17.59 8.11 -0.22
N ILE C 252 17.95 8.54 -1.46
CA ILE C 252 18.76 9.74 -1.63
C ILE C 252 17.85 10.92 -1.87
N ILE C 253 17.84 11.88 -0.93
CA ILE C 253 17.01 13.09 -1.01
C ILE C 253 17.90 14.30 -0.60
N PRO C 254 17.95 15.43 -1.36
CA PRO C 254 18.73 16.59 -0.89
C PRO C 254 17.97 17.29 0.24
N ILE C 255 18.62 17.47 1.39
CA ILE C 255 18.04 18.08 2.60
C ILE C 255 19.05 19.08 3.16
N SER C 256 18.62 20.02 4.01
CA SER C 256 19.60 20.90 4.62
C SER C 256 20.20 20.20 5.85
N LEU C 257 21.48 19.90 5.76
CA LEU C 257 22.19 19.14 6.78
C LEU C 257 23.50 19.81 7.21
N PRO C 258 23.69 20.09 8.52
CA PRO C 258 24.97 20.66 8.97
C PRO C 258 26.10 19.68 8.65
N GLN C 259 27.17 20.18 8.04
CA GLN C 259 28.32 19.41 7.56
C GLN C 259 29.53 20.33 7.33
N ASN C 260 30.71 19.74 7.06
CA ASN C 260 31.90 20.52 6.76
C ASN C 260 32.07 20.67 5.26
N ILE C 261 32.20 21.91 4.80
CA ILE C 261 32.48 22.29 3.42
C ILE C 261 33.82 23.02 3.49
N GLU C 262 34.85 22.51 2.78
CA GLU C 262 36.18 23.13 2.76
C GLU C 262 36.13 24.54 2.20
N GLY C 263 36.78 25.46 2.92
CA GLY C 263 36.81 26.88 2.59
C GLY C 263 35.73 27.66 3.31
N VAL C 264 34.68 26.96 3.79
CA VAL C 264 33.52 27.54 4.46
C VAL C 264 33.48 27.18 5.97
N GLY C 265 33.57 25.87 6.26
CA GLY C 265 33.51 25.32 7.61
C GLY C 265 32.15 24.69 7.89
N ARG C 266 31.70 24.77 9.15
CA ARG C 266 30.40 24.24 9.57
C ARG C 266 29.27 25.02 8.90
N VAL C 267 28.46 24.31 8.08
CA VAL C 267 27.33 24.89 7.34
C VAL C 267 26.23 23.84 7.05
N ALA C 268 24.97 24.29 7.02
CA ALA C 268 23.84 23.44 6.63
C ALA C 268 23.57 23.80 5.18
N VAL C 269 23.73 22.83 4.30
CA VAL C 269 23.54 23.04 2.87
C VAL C 269 22.87 21.82 2.28
N SER C 270 22.10 21.99 1.19
CA SER C 270 21.40 20.89 0.55
C SER C 270 22.21 20.23 -0.51
N VAL C 271 22.70 19.03 -0.22
CA VAL C 271 23.41 18.19 -1.18
C VAL C 271 22.65 16.86 -1.23
N PRO C 272 22.71 16.05 -2.33
CA PRO C 272 22.00 14.75 -2.30
C PRO C 272 22.52 13.95 -1.11
N THR C 273 21.63 13.59 -0.17
CA THR C 273 21.99 12.91 1.09
C THR C 273 21.31 11.55 1.26
N ILE C 274 22.02 10.55 1.83
CA ILE C 274 21.43 9.24 2.14
C ILE C 274 20.52 9.45 3.36
N ILE C 275 19.20 9.20 3.22
CA ILE C 275 18.25 9.34 4.33
C ILE C 275 18.06 7.98 4.99
N SER C 276 18.78 7.75 6.08
CA SER C 276 18.71 6.51 6.84
C SER C 276 18.87 6.84 8.33
N GLY C 277 19.17 5.84 9.19
CA GLY C 277 19.41 6.01 10.62
C GLY C 277 20.42 7.13 10.85
N ARG C 278 21.55 7.04 10.12
CA ARG C 278 22.56 8.08 9.99
C ARG C 278 22.30 8.76 8.64
N LEU C 279 22.58 10.07 8.56
CA LEU C 279 22.40 10.80 7.32
C LEU C 279 23.79 11.15 6.77
N LYS C 280 24.06 10.78 5.51
CA LYS C 280 25.36 11.01 4.89
C LYS C 280 25.25 11.86 3.64
N PRO C 281 25.88 13.06 3.64
CA PRO C 281 25.83 13.93 2.47
C PRO C 281 26.75 13.40 1.37
N LEU C 282 26.28 13.41 0.12
CA LEU C 282 27.06 12.89 -1.00
C LEU C 282 27.39 13.99 -2.01
N VAL C 283 28.39 14.82 -1.66
CA VAL C 283 28.91 15.94 -2.46
C VAL C 283 29.55 15.44 -3.80
N GLN C 284 30.14 14.22 -3.79
CA GLN C 284 30.76 13.52 -4.92
C GLN C 284 29.79 13.24 -6.07
N LEU C 285 28.46 13.25 -5.78
CA LEU C 285 27.41 13.04 -6.79
C LEU C 285 27.35 14.21 -7.79
N LEU C 286 27.80 15.42 -7.37
CA LEU C 286 27.85 16.62 -8.20
C LEU C 286 29.21 16.65 -8.91
N ASN C 287 29.25 17.23 -10.11
CA ASN C 287 30.50 17.35 -10.87
C ASN C 287 31.35 18.53 -10.33
N GLU C 288 32.54 18.79 -10.94
CA GLU C 288 33.47 19.85 -10.50
C GLU C 288 32.83 21.25 -10.49
N GLU C 289 32.04 21.56 -11.53
CA GLU C 289 31.35 22.84 -11.70
C GLU C 289 30.21 23.02 -10.68
N GLU C 290 29.43 21.95 -10.42
CA GLU C 290 28.33 22.04 -9.46
C GLU C 290 28.86 22.16 -8.03
N GLN C 291 30.00 21.51 -7.76
CA GLN C 291 30.70 21.56 -6.48
C GLN C 291 31.24 22.96 -6.16
N GLU C 292 31.69 23.73 -7.17
CA GLU C 292 32.17 25.09 -6.92
C GLU C 292 31.00 26.05 -6.65
N ARG C 293 29.84 25.87 -7.32
CA ARG C 293 28.64 26.66 -7.05
C ARG C 293 28.16 26.36 -5.63
N LEU C 294 28.23 25.07 -5.20
CA LEU C 294 27.81 24.64 -3.86
C LEU C 294 28.65 25.28 -2.74
N LYS C 295 29.99 25.36 -2.94
CA LYS C 295 30.91 26.00 -1.99
C LYS C 295 30.57 27.49 -1.87
N ARG C 296 30.11 28.10 -2.98
CA ARG C 296 29.66 29.50 -3.03
C ARG C 296 28.29 29.65 -2.34
N ALA C 297 27.39 28.66 -2.50
CA ALA C 297 26.08 28.65 -1.83
C ALA C 297 26.30 28.54 -0.30
N ALA C 298 27.28 27.70 0.11
CA ALA C 298 27.65 27.51 1.52
C ALA C 298 28.16 28.83 2.12
N LYS C 299 29.07 29.54 1.42
CA LYS C 299 29.58 30.84 1.87
C LYS C 299 28.43 31.81 2.19
N ALA C 300 27.42 31.88 1.29
CA ALA C 300 26.23 32.73 1.46
C ALA C 300 25.49 32.40 2.77
N ILE C 301 25.18 31.10 3.00
CA ILE C 301 24.47 30.62 4.22
C ILE C 301 25.27 30.96 5.50
N ARG C 302 26.56 30.60 5.51
CA ARG C 302 27.53 30.85 6.58
C ARG C 302 27.64 32.35 6.94
N ASN C 303 27.49 33.22 5.93
CA ASN C 303 27.54 34.68 6.12
C ASN C 303 26.28 35.18 6.83
N VAL C 304 25.10 34.64 6.46
CA VAL C 304 23.81 34.96 7.11
C VAL C 304 23.83 34.43 8.58
N TYR C 305 24.34 33.19 8.79
CA TYR C 305 24.45 32.57 10.12
C TYR C 305 25.38 33.38 11.04
N GLU C 306 26.50 33.88 10.51
CA GLU C 306 27.45 34.69 11.28
C GLU C 306 26.95 36.10 11.60
N SER C 307 25.78 36.49 11.06
CA SER C 307 25.13 37.78 11.29
C SER C 307 24.10 37.76 12.45
N ILE C 308 23.72 36.54 12.92
CA ILE C 308 22.75 36.32 14.01
C ILE C 308 23.30 36.89 15.34
N LEU C 309 22.39 37.22 16.30
CA LEU C 309 22.66 37.78 17.64
C LEU C 309 23.24 39.19 17.56
N ARG D 3 -3.98 -0.18 -11.37
CA ARG D 3 -5.02 -0.14 -10.34
C ARG D 3 -6.40 0.28 -10.92
N ILE D 4 -6.75 1.59 -10.90
CA ILE D 4 -8.04 2.10 -11.40
C ILE D 4 -7.87 3.02 -12.65
N PRO D 5 -8.29 2.57 -13.86
CA PRO D 5 -8.13 3.44 -15.06
C PRO D 5 -9.36 4.33 -15.37
N TYR D 6 -9.75 5.18 -14.43
CA TYR D 6 -10.91 6.04 -14.63
C TYR D 6 -10.64 7.50 -14.35
N LYS D 7 -11.60 8.33 -14.69
CA LYS D 7 -11.47 9.75 -14.41
C LYS D 7 -12.47 10.15 -13.37
N VAL D 8 -12.00 10.85 -12.33
CA VAL D 8 -12.82 11.38 -11.26
C VAL D 8 -12.76 12.91 -11.32
N ALA D 9 -13.94 13.56 -11.33
CA ALA D 9 -14.04 15.00 -11.31
C ALA D 9 -14.43 15.46 -9.91
N VAL D 10 -13.92 16.63 -9.52
CA VAL D 10 -14.24 17.24 -8.24
C VAL D 10 -14.79 18.63 -8.52
N ILE D 11 -16.10 18.83 -8.28
CA ILE D 11 -16.77 20.12 -8.49
C ILE D 11 -16.70 20.90 -7.18
N GLY D 12 -15.86 21.93 -7.15
CA GLY D 12 -15.60 22.78 -6.00
C GLY D 12 -14.34 22.32 -5.30
N THR D 13 -13.27 23.16 -5.34
CA THR D 13 -11.99 22.76 -4.75
C THR D 13 -11.63 23.63 -3.56
N GLY D 14 -12.53 23.67 -2.60
CA GLY D 14 -12.32 24.31 -1.31
C GLY D 14 -11.54 23.32 -0.46
N ARG D 15 -11.50 23.53 0.86
CA ARG D 15 -10.73 22.63 1.74
C ARG D 15 -11.06 21.16 1.51
N VAL D 16 -12.35 20.79 1.48
CA VAL D 16 -12.81 19.40 1.30
C VAL D 16 -12.40 18.81 -0.05
N GLY D 17 -12.81 19.50 -1.12
CA GLY D 17 -12.54 19.12 -2.51
C GLY D 17 -11.08 18.90 -2.80
N ALA D 18 -10.22 19.85 -2.40
CA ALA D 18 -8.77 19.80 -2.57
C ALA D 18 -8.21 18.61 -1.75
N THR D 19 -8.72 18.41 -0.51
CA THR D 19 -8.29 17.25 0.33
C THR D 19 -8.66 15.92 -0.34
N PHE D 20 -9.89 15.84 -0.90
CA PHE D 20 -10.35 14.68 -1.64
C PHE D 20 -9.43 14.45 -2.85
N ALA D 21 -9.09 15.54 -3.60
CA ALA D 21 -8.20 15.41 -4.77
C ALA D 21 -6.82 14.85 -4.34
N TYR D 22 -6.26 15.39 -3.22
CA TYR D 22 -4.98 14.93 -2.67
C TYR D 22 -5.06 13.45 -2.32
N THR D 23 -6.17 13.01 -1.68
CA THR D 23 -6.38 11.62 -1.26
C THR D 23 -6.32 10.65 -2.46
N MET D 24 -7.04 11.00 -3.55
CA MET D 24 -7.08 10.24 -4.80
C MET D 24 -5.68 10.14 -5.45
N ALA D 25 -4.86 11.17 -5.28
CA ALA D 25 -3.51 11.19 -5.85
C ALA D 25 -2.48 10.38 -5.09
N VAL D 26 -2.57 10.33 -3.75
CA VAL D 26 -1.54 9.70 -2.92
C VAL D 26 -1.92 8.32 -2.37
N VAL D 27 -3.23 7.96 -2.28
CA VAL D 27 -3.63 6.69 -1.68
C VAL D 27 -4.12 5.64 -2.72
N PRO D 28 -5.36 5.64 -3.29
CA PRO D 28 -5.73 4.55 -4.21
C PRO D 28 -5.05 4.61 -5.57
N GLY D 29 -4.63 5.81 -5.96
CA GLY D 29 -4.03 6.04 -7.26
C GLY D 29 -5.12 6.07 -8.31
N ILE D 30 -5.30 7.22 -8.91
CA ILE D 30 -6.30 7.40 -9.94
C ILE D 30 -5.54 7.78 -11.21
N ALA D 31 -5.98 7.29 -12.37
CA ALA D 31 -5.20 7.64 -13.58
C ALA D 31 -5.44 9.10 -14.01
N ARG D 32 -6.72 9.56 -13.97
CA ARG D 32 -7.12 10.90 -14.38
C ARG D 32 -7.98 11.61 -13.32
N MET D 33 -7.69 12.90 -13.08
CA MET D 33 -8.45 13.76 -12.17
C MET D 33 -8.80 15.06 -12.88
N THR D 34 -10.03 15.58 -12.66
CA THR D 34 -10.51 16.86 -13.22
C THR D 34 -10.92 17.73 -12.03
N LEU D 35 -10.30 18.92 -11.87
CA LEU D 35 -10.63 19.82 -10.77
C LEU D 35 -11.33 21.10 -11.26
N VAL D 36 -12.51 21.40 -10.69
CA VAL D 36 -13.31 22.58 -11.10
C VAL D 36 -13.57 23.45 -9.89
N ASP D 37 -13.41 24.76 -10.09
CA ASP D 37 -13.72 25.80 -9.13
C ASP D 37 -13.92 27.11 -9.87
N VAL D 38 -15.05 27.78 -9.60
CA VAL D 38 -15.46 29.03 -10.24
C VAL D 38 -14.48 30.21 -9.97
N VAL D 39 -13.71 30.16 -8.86
CA VAL D 39 -12.73 31.20 -8.49
C VAL D 39 -11.51 31.11 -9.44
N PRO D 40 -11.16 32.18 -10.19
CA PRO D 40 -10.03 32.06 -11.15
C PRO D 40 -8.68 31.72 -10.52
N GLY D 41 -8.04 30.70 -11.09
CA GLY D 41 -6.74 30.21 -10.63
C GLY D 41 -6.79 29.19 -9.52
N LEU D 42 -7.89 29.11 -8.74
CA LEU D 42 -8.00 28.20 -7.59
C LEU D 42 -7.72 26.74 -7.93
N ALA D 43 -8.56 26.12 -8.80
CA ALA D 43 -8.42 24.71 -9.22
C ALA D 43 -7.02 24.44 -9.79
N LYS D 44 -6.50 25.38 -10.60
CA LYS D 44 -5.18 25.31 -11.24
C LYS D 44 -4.03 25.18 -10.22
N GLY D 45 -4.05 26.03 -9.19
CA GLY D 45 -3.04 25.99 -8.14
C GLY D 45 -3.06 24.73 -7.28
N VAL D 46 -4.27 24.21 -7.00
CA VAL D 46 -4.46 22.97 -6.22
C VAL D 46 -3.84 21.81 -7.02
N MET D 47 -4.14 21.76 -8.35
CA MET D 47 -3.61 20.78 -9.30
C MET D 47 -2.07 20.74 -9.32
N GLU D 48 -1.41 21.93 -9.41
CA GLU D 48 0.05 22.02 -9.46
C GLU D 48 0.71 21.49 -8.18
N ASP D 49 0.12 21.82 -7.02
CA ASP D 49 0.58 21.40 -5.70
C ASP D 49 0.40 19.87 -5.51
N ILE D 50 -0.75 19.33 -5.93
CA ILE D 50 -1.05 17.89 -5.83
C ILE D 50 -0.12 17.08 -6.76
N LYS D 51 0.23 17.64 -7.94
CA LYS D 51 1.17 17.03 -8.89
C LYS D 51 2.57 16.89 -8.28
N HIS D 52 2.97 17.86 -7.45
CA HIS D 52 4.24 17.81 -6.72
C HIS D 52 4.19 16.68 -5.68
N ALA D 53 3.06 16.48 -4.99
CA ALA D 53 2.86 15.40 -4.01
C ALA D 53 2.92 14.03 -4.70
N ALA D 54 2.31 13.92 -5.90
CA ALA D 54 2.37 12.71 -6.73
C ALA D 54 3.82 12.41 -7.13
N ALA D 55 4.64 13.47 -7.34
CA ALA D 55 6.05 13.28 -7.70
C ALA D 55 6.85 12.71 -6.53
N VAL D 56 6.53 13.15 -5.30
CA VAL D 56 7.16 12.65 -4.07
C VAL D 56 6.85 11.16 -3.93
N PHE D 57 5.58 10.79 -4.10
CA PHE D 57 5.13 9.40 -3.98
C PHE D 57 5.38 8.56 -5.23
N ARG D 58 5.98 9.15 -6.27
CA ARG D 58 6.28 8.48 -7.54
C ARG D 58 5.03 7.79 -8.10
N ARG D 59 3.92 8.58 -8.16
CA ARG D 59 2.61 8.16 -8.65
CA ARG D 59 2.64 8.14 -8.69
C ARG D 59 2.32 8.87 -9.97
N SER D 60 2.06 8.11 -11.04
CA SER D 60 1.74 8.68 -12.34
C SER D 60 0.26 9.02 -12.39
N ILE D 61 -0.06 10.33 -12.32
CA ILE D 61 -1.40 10.89 -12.36
C ILE D 61 -1.44 11.97 -13.45
N THR D 62 -2.63 12.23 -14.01
CA THR D 62 -2.86 13.28 -15.00
C THR D 62 -4.06 14.06 -14.52
N VAL D 63 -3.82 15.32 -14.13
CA VAL D 63 -4.83 16.21 -13.57
C VAL D 63 -5.11 17.37 -14.53
N GLU D 64 -6.40 17.70 -14.73
CA GLU D 64 -6.84 18.83 -15.56
C GLU D 64 -7.63 19.75 -14.67
N ALA D 65 -7.48 21.08 -14.82
CA ALA D 65 -8.20 22.05 -13.99
C ALA D 65 -8.98 23.05 -14.83
N PHE D 66 -10.24 23.31 -14.43
CA PHE D 66 -11.15 24.26 -15.12
C PHE D 66 -11.84 25.21 -14.15
N GLU D 67 -12.46 26.27 -14.71
CA GLU D 67 -13.21 27.31 -13.99
C GLU D 67 -14.71 27.19 -14.27
N ASP D 68 -15.07 26.36 -15.28
CA ASP D 68 -16.44 26.11 -15.73
C ASP D 68 -16.75 24.62 -15.73
N VAL D 69 -17.91 24.28 -15.15
CA VAL D 69 -18.45 22.92 -14.97
C VAL D 69 -18.71 22.23 -16.33
N SER D 70 -19.02 23.03 -17.40
CA SER D 70 -19.28 22.54 -18.76
C SER D 70 -18.06 21.84 -19.42
N LYS D 71 -16.85 22.11 -18.89
CA LYS D 71 -15.58 21.57 -19.37
C LYS D 71 -15.31 20.14 -18.92
N VAL D 72 -16.07 19.65 -17.91
CA VAL D 72 -15.97 18.28 -17.39
C VAL D 72 -16.64 17.32 -18.36
N GLU D 73 -15.84 16.49 -19.02
CA GLU D 73 -16.35 15.55 -20.03
C GLU D 73 -15.71 14.19 -19.80
N ASN D 74 -16.48 13.11 -20.07
CA ASN D 74 -16.06 11.70 -19.92
C ASN D 74 -15.54 11.33 -18.53
N ALA D 75 -16.09 11.93 -17.46
CA ALA D 75 -15.65 11.55 -16.12
C ALA D 75 -16.46 10.32 -15.73
N ASP D 76 -15.87 9.42 -14.93
CA ASP D 76 -16.52 8.18 -14.46
C ASP D 76 -17.20 8.35 -13.12
N ALA D 77 -16.75 9.34 -12.35
CA ALA D 77 -17.31 9.69 -11.06
C ALA D 77 -17.12 11.19 -10.85
N ILE D 78 -18.13 11.86 -10.30
CA ILE D 78 -18.12 13.32 -10.11
C ILE D 78 -18.57 13.64 -8.70
N VAL D 79 -17.70 14.26 -7.91
CA VAL D 79 -18.04 14.59 -6.54
C VAL D 79 -18.41 16.08 -6.46
N ILE D 80 -19.64 16.39 -6.01
CA ILE D 80 -20.12 17.78 -5.93
C ILE D 80 -20.00 18.31 -4.51
N THR D 81 -19.03 19.19 -4.26
CA THR D 81 -18.82 19.79 -2.93
C THR D 81 -19.56 21.13 -2.86
N MET D 90 -31.08 29.86 9.06
CA MET D 90 -31.86 29.23 7.99
C MET D 90 -32.33 27.83 8.40
N SER D 91 -33.49 27.42 7.89
CA SER D 91 -34.10 26.11 8.11
C SER D 91 -33.73 25.16 6.97
N ARG D 92 -33.90 23.84 7.21
CA ARG D 92 -33.62 22.76 6.24
C ARG D 92 -34.63 22.78 5.07
N ARG D 93 -35.83 23.35 5.29
CA ARG D 93 -36.88 23.50 4.27
C ARG D 93 -36.49 24.61 3.27
N ASP D 94 -36.06 25.78 3.79
CA ASP D 94 -35.68 26.92 2.96
C ASP D 94 -34.35 26.69 2.24
N LEU D 95 -33.39 26.01 2.92
CA LEU D 95 -32.06 25.68 2.35
C LEU D 95 -32.25 24.73 1.14
N ALA D 96 -33.32 23.88 1.21
CA ALA D 96 -33.71 22.94 0.16
C ALA D 96 -34.14 23.68 -1.12
N ASN D 97 -34.96 24.74 -1.01
CA ASN D 97 -35.40 25.55 -2.16
C ASN D 97 -34.22 26.23 -2.87
N VAL D 98 -33.27 26.76 -2.07
CA VAL D 98 -32.06 27.48 -2.51
C VAL D 98 -31.07 26.52 -3.21
N ASN D 99 -30.73 25.41 -2.57
CA ASN D 99 -29.75 24.48 -3.12
C ASN D 99 -30.30 23.60 -4.25
N ALA D 100 -31.64 23.40 -4.32
CA ALA D 100 -32.29 22.63 -5.39
C ALA D 100 -31.97 23.25 -6.77
N GLN D 101 -32.04 24.58 -6.90
CA GLN D 101 -31.72 25.25 -8.17
C GLN D 101 -30.24 25.16 -8.53
N ILE D 102 -29.34 25.28 -7.52
CA ILE D 102 -27.89 25.18 -7.73
C ILE D 102 -27.54 23.78 -8.27
N ILE D 103 -28.08 22.73 -7.65
CA ILE D 103 -27.88 21.32 -8.04
C ILE D 103 -28.47 21.02 -9.42
N ARG D 104 -29.68 21.55 -9.74
CA ARG D 104 -30.32 21.38 -11.05
C ARG D 104 -29.45 21.97 -12.17
N ASP D 105 -28.88 23.20 -11.95
CA ASP D 105 -28.01 23.86 -12.93
C ASP D 105 -26.71 23.11 -13.18
N ILE D 106 -26.08 22.57 -12.10
CA ILE D 106 -24.83 21.79 -12.20
C ILE D 106 -25.09 20.51 -13.00
N GLY D 107 -26.19 19.82 -12.69
CA GLY D 107 -26.66 18.62 -13.37
C GLY D 107 -26.95 18.84 -14.85
N ASP D 108 -27.66 19.92 -15.19
CA ASP D 108 -27.96 20.27 -16.59
C ASP D 108 -26.67 20.44 -17.43
N LYS D 109 -25.60 20.98 -16.79
CA LYS D 109 -24.29 21.25 -17.40
C LYS D 109 -23.46 19.98 -17.60
N LEU D 110 -23.66 18.99 -16.74
CA LEU D 110 -22.86 17.77 -16.79
C LEU D 110 -23.51 16.58 -17.49
N ARG D 111 -24.84 16.49 -17.40
CA ARG D 111 -25.68 15.35 -17.83
C ARG D 111 -25.26 14.67 -19.16
N ASP D 112 -25.23 15.41 -20.26
CA ASP D 112 -24.93 14.76 -21.54
C ASP D 112 -23.43 14.62 -21.86
N ARG D 113 -22.53 15.28 -21.11
CA ARG D 113 -21.08 15.21 -21.36
C ARG D 113 -20.38 14.14 -20.53
N ASN D 114 -21.11 13.57 -19.56
CA ASN D 114 -20.58 12.54 -18.68
C ASN D 114 -21.51 11.30 -18.61
N PRO D 115 -21.66 10.56 -19.75
CA PRO D 115 -22.51 9.36 -19.74
C PRO D 115 -21.98 8.28 -18.79
N GLY D 116 -22.89 7.62 -18.08
CA GLY D 116 -22.58 6.54 -17.16
C GLY D 116 -21.90 6.94 -15.84
N ALA D 117 -21.61 8.25 -15.66
CA ALA D 117 -20.95 8.74 -14.45
C ALA D 117 -21.71 8.47 -13.15
N LEU D 118 -20.96 8.20 -12.06
CA LEU D 118 -21.54 8.14 -10.75
C LEU D 118 -21.47 9.61 -10.26
N TYR D 119 -22.61 10.17 -9.85
CA TYR D 119 -22.66 11.53 -9.28
C TYR D 119 -22.72 11.37 -7.78
N VAL D 120 -21.86 12.08 -7.03
CA VAL D 120 -21.85 11.97 -5.55
C VAL D 120 -22.21 13.34 -5.01
N VAL D 121 -23.43 13.46 -4.47
CA VAL D 121 -23.96 14.71 -3.93
C VAL D 121 -23.55 14.87 -2.48
N VAL D 122 -22.92 16.01 -2.13
CA VAL D 122 -22.53 16.32 -0.74
C VAL D 122 -23.40 17.49 -0.19
N THR D 123 -23.95 18.32 -1.09
CA THR D 123 -24.78 19.50 -0.82
C THR D 123 -25.99 19.18 0.08
N ASN D 124 -26.30 20.05 1.04
CA ASN D 124 -27.40 19.81 1.97
C ASN D 124 -28.72 20.50 1.60
N PRO D 125 -29.92 19.95 1.97
CA PRO D 125 -30.16 18.63 2.61
C PRO D 125 -29.87 17.51 1.60
N VAL D 126 -28.81 16.74 1.86
CA VAL D 126 -28.24 15.71 0.99
C VAL D 126 -29.30 14.72 0.44
N ASP D 127 -30.28 14.25 1.24
CA ASP D 127 -31.26 13.29 0.73
C ASP D 127 -32.15 13.91 -0.34
N VAL D 128 -32.56 15.13 -0.09
CA VAL D 128 -33.42 15.91 -0.96
C VAL D 128 -32.64 16.32 -2.21
N MET D 129 -31.39 16.76 -2.02
CA MET D 129 -30.51 17.14 -3.15
C MET D 129 -30.20 15.92 -4.04
N THR D 130 -30.01 14.74 -3.44
CA THR D 130 -29.78 13.48 -4.17
C THR D 130 -30.97 13.21 -5.12
N MET D 131 -32.22 13.40 -4.63
CA MET D 131 -33.45 13.19 -5.42
C MET D 131 -33.55 14.17 -6.59
N VAL D 132 -33.31 15.47 -6.32
CA VAL D 132 -33.30 16.56 -7.31
C VAL D 132 -32.28 16.29 -8.44
N LEU D 133 -31.03 15.89 -8.12
CA LEU D 133 -30.04 15.57 -9.15
C LEU D 133 -30.39 14.29 -9.88
N ASP D 134 -30.93 13.29 -9.18
CA ASP D 134 -31.41 12.05 -9.83
C ASP D 134 -32.48 12.35 -10.90
N ASP D 135 -33.35 13.35 -10.63
CA ASP D 135 -34.45 13.77 -11.54
C ASP D 135 -33.88 14.30 -12.86
N VAL D 136 -32.78 15.04 -12.78
CA VAL D 136 -32.09 15.66 -13.91
C VAL D 136 -31.31 14.61 -14.72
N ILE D 137 -30.50 13.80 -14.03
CA ILE D 137 -29.63 12.81 -14.67
C ILE D 137 -30.44 11.67 -15.29
N GLY D 138 -31.25 10.99 -14.46
CA GLY D 138 -32.07 9.87 -14.89
C GLY D 138 -31.20 8.70 -15.29
N SER D 139 -31.45 8.14 -16.49
CA SER D 139 -30.68 7.01 -17.03
C SER D 139 -29.26 7.35 -17.58
N LYS D 140 -28.82 8.63 -17.52
CA LYS D 140 -27.52 9.01 -18.11
C LYS D 140 -26.32 8.85 -17.15
N GLY D 141 -26.58 8.33 -15.97
CA GLY D 141 -25.60 8.06 -14.93
C GLY D 141 -26.30 7.59 -13.68
N THR D 142 -25.55 7.37 -12.60
CA THR D 142 -26.07 6.94 -11.31
C THR D 142 -25.89 8.05 -10.28
N VAL D 143 -26.96 8.48 -9.64
CA VAL D 143 -26.89 9.57 -8.66
C VAL D 143 -26.98 9.05 -7.24
N ILE D 144 -26.02 9.43 -6.38
CA ILE D 144 -26.03 9.05 -4.98
C ILE D 144 -25.65 10.27 -4.19
N GLY D 145 -25.89 10.21 -2.88
CA GLY D 145 -25.50 11.23 -1.94
C GLY D 145 -24.68 10.63 -0.83
N THR D 146 -23.85 11.43 -0.18
CA THR D 146 -23.02 10.94 0.94
C THR D 146 -23.88 10.44 2.14
N GLY D 147 -25.07 11.01 2.35
CA GLY D 147 -26.01 10.57 3.39
C GLY D 147 -25.37 10.44 4.77
N THR D 148 -25.49 9.24 5.39
CA THR D 148 -24.96 8.98 6.73
C THR D 148 -23.63 8.19 6.73
N SER D 149 -22.90 8.17 5.59
CA SER D 149 -21.59 7.51 5.51
C SER D 149 -20.59 8.09 6.50
N LEU D 150 -20.48 9.44 6.61
CA LEU D 150 -19.54 10.03 7.58
C LEU D 150 -19.97 9.78 9.00
N ASP D 151 -21.29 9.92 9.25
CA ASP D 151 -21.91 9.69 10.55
C ASP D 151 -21.57 8.31 11.07
N THR D 152 -21.63 7.28 10.20
CA THR D 152 -21.29 5.91 10.56
C THR D 152 -19.82 5.85 11.09
N PHE D 153 -18.85 6.37 10.31
CA PHE D 153 -17.42 6.37 10.71
C PHE D 153 -17.16 7.20 11.96
N ARG D 154 -17.92 8.31 12.14
CA ARG D 154 -17.81 9.15 13.33
C ARG D 154 -18.28 8.39 14.57
N PHE D 155 -19.40 7.63 14.43
CA PHE D 155 -20.01 6.79 15.47
C PHE D 155 -19.06 5.67 15.88
N ARG D 156 -18.46 4.97 14.90
CA ARG D 156 -17.50 3.90 15.15
C ARG D 156 -16.30 4.40 15.94
N ALA D 157 -15.75 5.59 15.57
CA ALA D 157 -14.62 6.22 16.27
C ALA D 157 -14.98 6.54 17.72
N ALA D 158 -16.25 6.93 18.00
CA ALA D 158 -16.67 7.21 19.38
C ALA D 158 -16.73 5.90 20.18
N VAL D 159 -17.25 4.80 19.56
CA VAL D 159 -17.31 3.50 20.23
C VAL D 159 -15.88 3.04 20.64
N SER D 160 -14.94 3.01 19.65
CA SER D 160 -13.53 2.64 19.79
C SER D 160 -12.88 3.41 20.95
N GLU D 161 -13.20 4.70 21.08
CA GLU D 161 -12.65 5.55 22.15
C GLU D 161 -13.21 5.19 23.53
N LEU D 162 -14.57 5.23 23.68
CA LEU D 162 -15.22 4.95 24.96
C LEU D 162 -15.05 3.50 25.43
N LEU D 163 -15.05 2.52 24.52
CA LEU D 163 -14.86 1.13 24.94
C LEU D 163 -13.39 0.68 25.02
N ASN D 164 -12.45 1.55 24.59
CA ASN D 164 -10.99 1.31 24.53
C ASN D 164 -10.66 0.06 23.70
N VAL D 165 -11.22 0.03 22.48
CA VAL D 165 -11.04 -1.06 21.52
C VAL D 165 -10.43 -0.49 20.23
N PRO D 166 -9.66 -1.25 19.41
CA PRO D 166 -9.13 -0.64 18.17
C PRO D 166 -10.27 -0.35 17.22
N ILE D 167 -10.11 0.68 16.38
CA ILE D 167 -11.14 1.13 15.45
C ILE D 167 -11.62 -0.02 14.56
N VAL D 168 -10.67 -0.87 14.14
CA VAL D 168 -10.87 -2.02 13.26
C VAL D 168 -11.82 -3.07 13.84
N ALA D 169 -12.00 -3.11 15.16
CA ALA D 169 -12.91 -4.06 15.82
C ALA D 169 -14.40 -3.65 15.75
N VAL D 170 -14.68 -2.40 15.36
CA VAL D 170 -16.03 -1.85 15.41
C VAL D 170 -16.79 -1.94 14.08
N ASP D 171 -18.06 -2.40 14.14
CA ASP D 171 -19.00 -2.43 13.02
C ASP D 171 -20.30 -1.77 13.50
N GLY D 172 -21.10 -1.29 12.58
CA GLY D 172 -22.36 -0.64 12.92
C GLY D 172 -22.67 0.48 11.97
N TYR D 173 -23.93 0.83 11.87
CA TYR D 173 -24.34 1.83 10.93
C TYR D 173 -25.22 2.86 11.57
N VAL D 174 -25.06 4.09 11.11
CA VAL D 174 -25.94 5.21 11.38
C VAL D 174 -26.76 5.29 10.09
N VAL D 175 -28.10 5.41 10.20
CA VAL D 175 -29.02 5.42 9.06
C VAL D 175 -30.06 6.51 9.13
N GLY D 176 -30.94 6.56 8.12
CA GLY D 176 -32.01 7.53 8.09
C GLY D 176 -31.70 8.79 7.31
N GLU D 177 -32.19 9.90 7.82
CA GLU D 177 -32.05 11.21 7.20
C GLU D 177 -30.79 11.90 7.78
N HIS D 178 -29.81 12.27 6.92
CA HIS D 178 -28.61 12.97 7.35
C HIS D 178 -28.97 14.31 8.01
N GLY D 179 -28.37 14.53 9.18
CA GLY D 179 -28.59 15.68 10.05
C GLY D 179 -28.98 15.24 11.45
N GLU D 180 -29.76 16.09 12.15
CA GLU D 180 -30.23 15.88 13.53
C GLU D 180 -31.00 14.58 13.75
N GLU D 181 -31.72 14.10 12.70
CA GLU D 181 -32.57 12.91 12.76
C GLU D 181 -31.89 11.58 12.42
N ALA D 182 -30.61 11.60 11.97
CA ALA D 182 -29.89 10.35 11.71
C ALA D 182 -29.87 9.50 12.98
N PHE D 183 -30.04 8.19 12.86
CA PHE D 183 -30.09 7.36 14.06
C PHE D 183 -29.21 6.15 13.93
N VAL D 184 -28.66 5.71 15.06
CA VAL D 184 -27.80 4.54 15.09
C VAL D 184 -28.72 3.30 14.99
N ALA D 185 -28.42 2.37 14.08
CA ALA D 185 -29.16 1.11 14.04
C ALA D 185 -28.38 0.23 15.05
N TRP D 186 -28.70 0.34 16.35
CA TRP D 186 -27.98 -0.41 17.40
C TRP D 186 -27.91 -1.95 17.19
N SER D 187 -28.85 -2.55 16.45
CA SER D 187 -28.83 -3.99 16.16
C SER D 187 -27.63 -4.40 15.32
N THR D 188 -27.02 -3.43 14.57
CA THR D 188 -25.85 -3.71 13.69
C THR D 188 -24.49 -3.45 14.39
N VAL D 189 -24.51 -2.91 15.60
CA VAL D 189 -23.28 -2.51 16.31
C VAL D 189 -22.61 -3.68 17.04
N THR D 190 -21.38 -4.02 16.58
CA THR D 190 -20.62 -5.13 17.14
C THR D 190 -19.18 -4.77 17.39
N ILE D 191 -18.54 -5.51 18.31
CA ILE D 191 -17.13 -5.38 18.72
C ILE D 191 -16.52 -6.76 18.53
N LYS D 192 -15.65 -6.92 17.49
CA LYS D 192 -15.08 -8.22 17.09
C LYS D 192 -16.24 -9.24 16.91
N GLY D 193 -17.27 -8.80 16.20
CA GLY D 193 -18.46 -9.60 15.93
C GLY D 193 -19.41 -9.79 17.09
N ILE D 194 -19.11 -9.25 18.27
CA ILE D 194 -20.00 -9.42 19.42
C ILE D 194 -20.93 -8.22 19.51
N HIS D 195 -22.25 -8.45 19.54
CA HIS D 195 -23.22 -7.34 19.67
C HIS D 195 -22.84 -6.49 20.86
N ILE D 196 -22.79 -5.16 20.65
CA ILE D 196 -22.32 -4.17 21.64
C ILE D 196 -22.97 -4.35 23.04
N ASP D 197 -24.28 -4.67 23.13
CA ASP D 197 -24.94 -4.88 24.42
C ASP D 197 -24.30 -6.06 25.17
N GLN D 198 -24.00 -7.16 24.45
CA GLN D 198 -23.38 -8.36 25.03
C GLN D 198 -21.94 -8.08 25.49
N TYR D 199 -21.14 -7.44 24.61
CA TYR D 199 -19.75 -7.07 24.89
C TYR D 199 -19.62 -6.27 26.20
N ILE D 200 -20.42 -5.19 26.34
CA ILE D 200 -20.48 -4.27 27.50
C ILE D 200 -20.84 -5.00 28.81
N LYS D 201 -21.82 -5.92 28.75
CA LYS D 201 -22.33 -6.71 29.87
C LYS D 201 -21.26 -7.68 30.40
N GLU D 202 -20.70 -8.51 29.49
CA GLU D 202 -19.68 -9.53 29.77
C GLU D 202 -18.44 -9.00 30.45
N ARG D 203 -18.09 -7.72 30.20
CA ARG D 203 -16.92 -7.01 30.74
C ARG D 203 -17.27 -5.97 31.82
N ASN D 204 -18.57 -5.75 32.10
CA ASN D 204 -19.06 -4.79 33.11
C ASN D 204 -18.61 -3.34 32.81
N ILE D 205 -18.83 -2.89 31.56
CA ILE D 205 -18.44 -1.53 31.17
C ILE D 205 -19.58 -0.56 31.52
N ASN D 206 -19.30 0.45 32.37
CA ASN D 206 -20.30 1.43 32.80
C ASN D 206 -20.42 2.51 31.71
N ILE D 207 -21.03 2.14 30.56
CA ILE D 207 -21.25 3.02 29.40
C ILE D 207 -22.60 2.75 28.79
N SER D 208 -23.38 3.82 28.56
CA SER D 208 -24.72 3.71 27.98
C SER D 208 -24.74 4.12 26.50
N ARG D 209 -25.80 3.71 25.78
CA ARG D 209 -26.02 4.09 24.38
C ARG D 209 -26.13 5.62 24.30
N GLU D 210 -26.84 6.24 25.28
CA GLU D 210 -27.02 7.68 25.38
C GLU D 210 -25.67 8.42 25.51
N GLN D 211 -24.77 7.98 26.42
CA GLN D 211 -23.44 8.57 26.58
C GLN D 211 -22.64 8.50 25.27
N ILE D 212 -22.72 7.38 24.52
CA ILE D 212 -22.05 7.22 23.23
C ILE D 212 -22.59 8.25 22.22
N GLU D 213 -23.92 8.34 22.07
CA GLU D 213 -24.53 9.28 21.12
C GLU D 213 -24.19 10.74 21.42
N LYS D 214 -24.12 11.10 22.72
CA LYS D 214 -23.76 12.45 23.16
C LYS D 214 -22.28 12.71 22.85
N TYR D 215 -21.39 11.73 23.13
CA TYR D 215 -19.96 11.83 22.83
C TYR D 215 -19.72 12.17 21.34
N VAL D 216 -20.45 11.49 20.45
CA VAL D 216 -20.39 11.67 18.99
C VAL D 216 -20.67 13.13 18.64
N LYS D 217 -21.77 13.68 19.19
CA LYS D 217 -22.21 15.06 18.97
C LYS D 217 -21.21 16.09 19.51
N ASP D 218 -20.64 15.84 20.72
CA ASP D 218 -19.68 16.77 21.33
C ASP D 218 -18.40 16.83 20.51
N VAL D 219 -17.96 15.69 19.96
CA VAL D 219 -16.75 15.58 19.14
C VAL D 219 -16.93 16.39 17.85
N ALA D 220 -18.07 16.22 17.17
CA ALA D 220 -18.37 16.93 15.92
C ALA D 220 -18.43 18.44 16.12
N ALA D 221 -19.03 18.89 17.25
CA ALA D 221 -19.13 20.30 17.64
C ALA D 221 -17.72 20.87 17.88
N SER D 222 -16.81 20.07 18.51
CA SER D 222 -15.42 20.46 18.78
C SER D 222 -14.57 20.64 17.49
N ILE D 223 -14.88 19.86 16.44
CA ILE D 223 -14.20 19.93 15.14
C ILE D 223 -14.58 21.27 14.46
N ILE D 224 -15.90 21.58 14.42
CA ILE D 224 -16.45 22.82 13.86
C ILE D 224 -15.85 24.01 14.61
N ALA D 225 -15.84 23.97 15.96
CA ALA D 225 -15.29 25.07 16.77
C ALA D 225 -13.81 25.37 16.51
N SER D 226 -12.99 24.35 16.28
CA SER D 226 -11.55 24.52 16.06
C SER D 226 -11.12 24.72 14.60
N GLN D 227 -11.64 23.90 13.70
CA GLN D 227 -11.29 23.90 12.28
C GLN D 227 -12.22 24.73 11.41
N GLY D 228 -13.44 24.97 11.86
CA GLY D 228 -14.43 25.71 11.09
C GLY D 228 -15.35 24.77 10.31
N ALA D 229 -14.83 23.58 9.95
CA ALA D 229 -15.54 22.54 9.21
C ALA D 229 -14.87 21.18 9.39
N THR D 230 -15.58 20.12 9.01
CA THR D 230 -15.09 18.73 8.94
C THR D 230 -14.43 18.62 7.56
N ILE D 231 -13.18 18.14 7.49
CA ILE D 231 -12.41 18.09 6.23
C ILE D 231 -11.84 16.69 5.95
N TRP D 232 -11.00 16.20 6.87
CA TRP D 232 -10.27 14.94 6.74
C TRP D 232 -11.18 13.70 6.67
N GLY D 233 -12.17 13.60 7.57
CA GLY D 233 -13.18 12.54 7.58
C GLY D 233 -13.99 12.51 6.29
N PRO D 234 -14.60 13.65 5.86
CA PRO D 234 -15.32 13.67 4.55
C PRO D 234 -14.47 13.28 3.33
N ALA D 235 -13.23 13.81 3.22
CA ALA D 235 -12.34 13.51 2.08
C ALA D 235 -12.05 12.01 1.99
N ALA D 236 -11.76 11.38 3.15
CA ALA D 236 -11.51 9.94 3.24
C ALA D 236 -12.76 9.18 2.80
N THR D 237 -13.95 9.60 3.27
CA THR D 237 -15.23 8.97 2.95
C THR D 237 -15.58 9.01 1.44
N PHE D 238 -15.41 10.16 0.79
CA PHE D 238 -15.70 10.29 -0.66
C PHE D 238 -14.83 9.31 -1.43
N GLN D 239 -13.53 9.23 -1.06
CA GLN D 239 -12.54 8.34 -1.67
C GLN D 239 -12.98 6.89 -1.49
N GLU D 240 -13.43 6.51 -0.28
CA GLU D 240 -13.86 5.15 0.01
C GLU D 240 -15.06 4.77 -0.83
N ILE D 241 -16.06 5.67 -0.96
CA ILE D 241 -17.26 5.44 -1.75
C ILE D 241 -16.94 5.31 -3.27
N VAL D 242 -16.22 6.29 -3.82
CA VAL D 242 -15.87 6.35 -5.26
C VAL D 242 -15.05 5.09 -5.69
N VAL D 243 -14.00 4.77 -4.91
CA VAL D 243 -13.13 3.60 -5.19
C VAL D 243 -13.91 2.28 -5.12
N SER D 244 -14.80 2.11 -4.12
CA SER D 244 -15.61 0.88 -3.99
C SER D 244 -16.54 0.72 -5.22
N HIS D 245 -17.08 1.84 -5.72
CA HIS D 245 -17.93 1.79 -6.91
C HIS D 245 -17.12 1.45 -8.15
N LEU D 246 -15.98 2.16 -8.38
CA LEU D 246 -15.16 2.01 -9.59
C LEU D 246 -14.32 0.76 -9.66
N ALA D 247 -13.92 0.23 -8.50
CA ALA D 247 -13.11 -0.98 -8.44
C ALA D 247 -13.95 -2.22 -8.08
N ASN D 248 -15.31 -2.08 -8.08
CA ASN D 248 -16.29 -3.15 -7.75
C ASN D 248 -15.93 -3.92 -6.48
N GLU D 249 -15.64 -3.17 -5.43
CA GLU D 249 -15.21 -3.72 -4.13
C GLU D 249 -16.35 -4.32 -3.29
N SER D 250 -17.60 -3.88 -3.52
CA SER D 250 -18.81 -4.31 -2.80
C SER D 250 -18.69 -4.15 -1.28
N LYS D 251 -18.24 -2.97 -0.84
CA LYS D 251 -18.16 -2.68 0.57
C LYS D 251 -19.54 -2.18 0.96
N ILE D 252 -19.98 -2.45 2.20
CA ILE D 252 -21.25 -1.94 2.71
C ILE D 252 -20.97 -0.58 3.32
N ILE D 253 -21.60 0.47 2.78
CA ILE D 253 -21.49 1.84 3.30
C ILE D 253 -22.88 2.49 3.21
N PRO D 254 -23.42 3.11 4.29
CA PRO D 254 -24.72 3.78 4.16
C PRO D 254 -24.50 5.06 3.36
N ILE D 255 -25.28 5.24 2.30
CA ILE D 255 -25.22 6.39 1.38
C ILE D 255 -26.65 6.80 1.06
N SER D 256 -26.86 8.03 0.62
CA SER D 256 -28.21 8.49 0.25
C SER D 256 -28.45 7.90 -1.15
N LEU D 257 -29.44 6.99 -1.26
CA LEU D 257 -29.72 6.31 -2.53
C LEU D 257 -31.20 6.34 -2.89
N PRO D 258 -31.56 6.86 -4.10
CA PRO D 258 -32.98 6.84 -4.50
C PRO D 258 -33.39 5.39 -4.66
N GLN D 259 -34.36 4.96 -3.83
CA GLN D 259 -34.87 3.59 -3.76
C GLN D 259 -36.38 3.57 -3.41
N ASN D 260 -36.98 2.39 -3.43
CA ASN D 260 -38.38 2.21 -3.08
C ASN D 260 -38.51 1.84 -1.60
N ILE D 261 -39.19 2.67 -0.80
CA ILE D 261 -39.40 2.39 0.63
C ILE D 261 -40.87 2.03 0.82
N GLU D 262 -41.15 0.89 1.49
CA GLU D 262 -42.52 0.40 1.72
C GLU D 262 -43.38 1.45 2.42
N GLY D 263 -44.53 1.76 1.82
CA GLY D 263 -45.48 2.74 2.33
C GLY D 263 -45.14 4.18 1.97
N VAL D 264 -44.03 4.39 1.22
CA VAL D 264 -43.53 5.72 0.85
C VAL D 264 -43.35 5.88 -0.66
N GLY D 265 -42.74 4.88 -1.29
CA GLY D 265 -42.37 4.92 -2.70
C GLY D 265 -40.96 5.45 -2.87
N ARG D 266 -40.68 6.09 -4.03
CA ARG D 266 -39.36 6.64 -4.37
C ARG D 266 -38.87 7.72 -3.41
N VAL D 267 -37.67 7.50 -2.84
CA VAL D 267 -37.01 8.39 -1.88
C VAL D 267 -35.52 8.04 -1.74
N ALA D 268 -34.66 9.05 -1.58
CA ALA D 268 -33.23 8.84 -1.29
C ALA D 268 -33.15 8.93 0.22
N VAL D 269 -32.71 7.85 0.83
CA VAL D 269 -32.59 7.68 2.28
C VAL D 269 -31.33 6.86 2.51
N SER D 270 -30.79 6.92 3.71
CA SER D 270 -29.56 6.16 4.01
C SER D 270 -29.83 4.85 4.73
N VAL D 271 -29.47 3.77 4.09
CA VAL D 271 -29.50 2.42 4.67
C VAL D 271 -28.12 1.77 4.35
N PRO D 272 -27.65 0.70 5.05
CA PRO D 272 -26.38 0.07 4.65
C PRO D 272 -26.56 -0.46 3.22
N THR D 273 -25.72 0.02 2.29
CA THR D 273 -25.78 -0.21 0.84
C THR D 273 -24.52 -0.89 0.30
N ILE D 274 -24.70 -1.83 -0.66
CA ILE D 274 -23.56 -2.50 -1.34
C ILE D 274 -23.04 -1.52 -2.38
N ILE D 275 -21.80 -1.07 -2.22
CA ILE D 275 -21.16 -0.13 -3.14
C ILE D 275 -20.31 -0.89 -4.14
N SER D 276 -20.84 -1.06 -5.33
CA SER D 276 -20.15 -1.72 -6.42
C SER D 276 -20.60 -1.01 -7.70
N GLY D 277 -20.33 -1.62 -8.86
CA GLY D 277 -20.77 -1.13 -10.16
C GLY D 277 -22.24 -0.77 -10.09
N ARG D 278 -23.06 -1.68 -9.50
CA ARG D 278 -24.46 -1.42 -9.16
C ARG D 278 -24.50 -1.17 -7.67
N LEU D 279 -25.45 -0.36 -7.23
CA LEU D 279 -25.63 0.00 -5.82
C LEU D 279 -26.86 -0.70 -5.27
N LYS D 280 -26.67 -1.54 -4.24
CA LYS D 280 -27.76 -2.33 -3.69
C LYS D 280 -28.09 -1.93 -2.26
N PRO D 281 -29.24 -1.29 -2.00
CA PRO D 281 -29.56 -0.93 -0.61
C PRO D 281 -30.03 -2.15 0.16
N LEU D 282 -29.56 -2.30 1.41
CA LEU D 282 -29.93 -3.45 2.22
C LEU D 282 -30.76 -3.07 3.45
N VAL D 283 -32.06 -2.88 3.26
CA VAL D 283 -32.97 -2.52 4.35
C VAL D 283 -33.10 -3.67 5.39
N GLN D 284 -32.99 -4.93 4.95
CA GLN D 284 -33.16 -6.08 5.85
C GLN D 284 -32.04 -6.25 6.90
N LEU D 285 -30.92 -5.47 6.81
CA LEU D 285 -29.88 -5.47 7.85
C LEU D 285 -30.41 -4.79 9.12
N LEU D 286 -31.50 -4.00 8.97
CA LEU D 286 -32.15 -3.29 10.08
C LEU D 286 -33.22 -4.18 10.68
N ASN D 287 -33.42 -4.12 12.00
CA ASN D 287 -34.52 -4.88 12.62
C ASN D 287 -35.84 -4.13 12.35
N GLU D 288 -36.99 -4.69 12.79
CA GLU D 288 -38.31 -4.09 12.55
C GLU D 288 -38.50 -2.71 13.08
N GLU D 289 -38.04 -2.45 14.32
CA GLU D 289 -38.17 -1.13 14.93
C GLU D 289 -37.38 -0.08 14.16
N GLU D 290 -36.16 -0.43 13.71
CA GLU D 290 -35.26 0.44 12.95
C GLU D 290 -35.86 0.72 11.58
N GLN D 291 -36.50 -0.30 10.97
CA GLN D 291 -37.18 -0.13 9.68
C GLN D 291 -38.37 0.81 9.82
N GLU D 292 -39.01 0.80 10.99
CA GLU D 292 -40.16 1.69 11.25
C GLU D 292 -39.68 3.13 11.49
N ARG D 293 -38.51 3.31 12.14
CA ARG D 293 -37.96 4.66 12.28
C ARG D 293 -37.46 5.14 10.93
N LEU D 294 -36.93 4.21 10.12
CA LEU D 294 -36.43 4.51 8.77
C LEU D 294 -37.61 4.98 7.90
N LYS D 295 -38.77 4.30 8.00
CA LYS D 295 -39.98 4.69 7.24
C LYS D 295 -40.35 6.16 7.56
N ARG D 296 -40.28 6.54 8.85
CA ARG D 296 -40.56 7.92 9.30
C ARG D 296 -39.56 8.93 8.70
N ALA D 297 -38.26 8.53 8.58
CA ALA D 297 -37.20 9.35 7.96
C ALA D 297 -37.51 9.60 6.47
N ALA D 298 -37.86 8.53 5.73
CA ALA D 298 -38.27 8.55 4.32
C ALA D 298 -39.50 9.45 4.05
N LYS D 299 -40.51 9.42 4.96
CA LYS D 299 -41.72 10.25 4.84
C LYS D 299 -41.39 11.73 5.02
N ALA D 300 -40.47 12.04 5.95
CA ALA D 300 -40.03 13.40 6.20
C ALA D 300 -39.24 13.92 4.99
N ILE D 301 -38.34 13.08 4.40
CA ILE D 301 -37.55 13.43 3.20
C ILE D 301 -38.51 13.70 2.02
N ARG D 302 -39.47 12.79 1.78
CA ARG D 302 -40.50 12.92 0.72
C ARG D 302 -41.31 14.23 0.92
N ASN D 303 -41.69 14.57 2.17
CA ASN D 303 -42.42 15.83 2.45
C ASN D 303 -41.61 17.03 1.91
N VAL D 304 -40.32 17.09 2.26
CA VAL D 304 -39.39 18.14 1.79
C VAL D 304 -39.24 18.08 0.25
N TYR D 305 -38.97 16.91 -0.31
CA TYR D 305 -38.85 16.75 -1.78
C TYR D 305 -40.10 17.29 -2.54
N GLU D 306 -41.31 16.92 -2.08
CA GLU D 306 -42.59 17.32 -2.70
C GLU D 306 -42.86 18.83 -2.65
N SER D 307 -42.27 19.53 -1.68
CA SER D 307 -42.41 20.99 -1.52
C SER D 307 -41.54 21.79 -2.51
N ILE D 308 -40.58 21.13 -3.18
CA ILE D 308 -39.70 21.77 -4.14
C ILE D 308 -39.82 21.15 -5.56
N LEU D 309 -41.09 20.90 -6.00
CA LEU D 309 -41.46 20.32 -7.30
C LEU D 309 -40.92 18.89 -7.46
C21 7MT E . -19.95 -45.07 -4.27
C10 7MT E . -14.69 -46.91 1.05
C11 7MT E . -18.62 -47.09 -2.96
C01 7MT E . -14.30 -48.93 -1.21
C03 7MT E . -15.81 -49.19 -1.49
C04 7MT E . -12.86 -47.32 -2.24
C05 7MT E . -13.29 -46.82 -3.64
C07 7MT E . -15.37 -47.58 -4.62
C08 7MT E . -16.14 -48.67 -3.85
C13 7MT E . -14.50 -47.50 2.31
C14 7MT E . -15.51 -47.46 3.23
C15 7MT E . -16.71 -46.87 2.91
C16 7MT E . -16.89 -46.29 1.64
C18 7MT E . -18.22 -45.61 1.29
C19 7MT E . -19.79 -47.36 -3.66
C20 7MT E . -20.45 -46.35 -4.31
C22 7MT E . -18.77 -44.81 -3.57
C24 7MT E . -18.19 -43.40 -3.50
C29 7MT E . -17.90 -48.25 -2.23
C30 7MT E . -13.52 -46.96 0.02
N02 7MT E . -13.97 -47.48 -1.30
N06 7MT E . -14.74 -46.60 -3.74
N09 7MT E . -16.44 -48.25 -2.47
N17 7MT E . -15.87 -46.34 0.73
N23 7MT E . -18.12 -45.84 -2.91
O25 7MT E . -18.57 -42.50 -4.31
O26 7MT E . -17.34 -43.13 -2.62
O27 7MT E . -18.75 -45.81 0.17
O28 7MT E . -18.78 -44.86 2.13
TB 7MT E . -16.12 -45.28 -1.88
TB TB F . -21.25 -33.74 16.81
TB TB G . -18.91 -33.47 -9.97
TB TB H . -29.11 -1.23 -29.39
TB TB I . -14.98 -46.04 -0.74
CL CL J . 6.50 -27.50 18.77
CL CL K . -13.79 -32.00 -3.23
TB TB L . 32.81 -26.84 0.84
TB TB M . 37.90 -18.14 3.77
TB TB N . 43.88 7.14 5.32
TB TB O . 31.14 -24.62 1.21
CL CL P . 4.34 -22.08 -20.87
TB TB Q . 19.15 40.46 23.92
TB TB R . 17.33 45.89 10.18
TB TB S . 34.56 28.68 -11.89
TB TB T . 15.22 38.08 -3.52
TB TB U . 21.16 34.06 -9.59
C21 7MT V . -41.70 27.04 8.96
C10 7MT V . -39.17 31.15 2.87
C11 7MT V . -42.20 29.18 7.29
C01 7MT V . -39.72 32.99 5.24
C03 7MT V . -41.11 32.38 5.54
C04 7MT V . -37.56 32.30 6.06
C05 7MT V . -37.76 31.92 7.54
C07 7MT V . -39.78 31.27 8.65
C08 7MT V . -41.01 31.81 7.91
C13 7MT V . -39.51 31.62 1.60
C14 7MT V . -40.44 30.95 0.85
C15 7MT V . -41.07 29.84 1.37
C16 7MT V . -40.73 29.39 2.65
C18 7MT V . -41.39 28.14 3.26
C19 7MT V . -43.17 28.79 8.21
C20 7MT V . -42.91 27.70 9.02
C22 7MT V . -40.73 27.47 8.05
C24 7MT V . -39.35 26.84 7.85
C29 7MT V . -42.33 30.43 6.38
C30 7MT V . -38.14 31.89 3.78
N02 7MT V . -38.65 31.95 5.17
N06 7MT V . -38.74 30.83 7.73
N09 7MT V . -41.11 31.26 6.53
N17 7MT V . -39.80 30.06 3.38
N23 7MT V . -41.01 28.55 7.26
O25 7MT V . -39.00 25.77 8.40
O26 7MT V . -38.58 27.46 7.08
O27 7MT V . -41.20 27.88 4.48
O28 7MT V . -42.13 27.41 2.55
TB 7MT V . -39.37 29.50 5.64
TB TB W . -17.63 18.37 -25.70
TB TB X . -42.75 -8.89 12.53
TB TB Y . -36.73 13.14 16.63
TB TB Z . -32.08 22.59 14.62
TB TB AA . -39.51 28.64 2.94
#